data_7QPE
#
_entry.id   7QPE
#
_cell.length_a   129.683
_cell.length_b   129.683
_cell.length_c   302.305
_cell.angle_alpha   90.000
_cell.angle_beta   90.000
_cell.angle_gamma   120.000
#
_symmetry.space_group_name_H-M   'P 64 2 2'
#
loop_
_entity.id
_entity.type
_entity.pdbx_description
1 polymer 'Serine hydroxymethyltransferase 6'
2 non-polymer 'NITRATE ION'
3 water water
#
_entity_poly.entity_id   1
_entity_poly.type   'polypeptide(L)'
_entity_poly.pdbx_seq_one_letter_code
;SNAIESRRAVVRAWGNQSIEEADPEIHEFMEKEKQRQFRGIELIASENFVCRAVMEALGSHLTNKYSEGMPGARYYTGNQ
YIDQIEILCQERALAAFGLNHEKWGVNVQPYSCTSANFAVFTGLLMPGERIMGLDSPSGGHMSHGYYTPGGKKVSGASIF
FESFPYKVDPRTGYIDYDKLEEKALDYRPKILICGGSSYPRDWEFPRFRHIADKCGAVLMFDMAQISGLVAAKESPNPFD
YCDIVTSTTHKSLRGPRGGIIFYKRGLKPKKQSINLNHCESNIQYDFEEKINFSVFPSLQGGPHNNHIAALAIALKQAAS
PEYKLYMRQVKKNAKALASALISRKCKLITGGTDNHLLLWDLTPLGLTGKVYEKVCEMCHITVNKVAIFSENGVISPGGV
RIGSPAMTSRGCLEPEFETMADFLYRAAQIASAAQREHGKLQKEPLKSIYHCKEIADLRNQVEAFATQFAMPAFDM
;
_entity_poly.pdbx_strand_id   A,B
#
loop_
_chem_comp.id
_chem_comp.type
_chem_comp.name
_chem_comp.formula
NO3 non-polymer 'NITRATE ION' 'N O3 -1'
#
# COMPACT_ATOMS: atom_id res chain seq x y z
N SER A 1 56.45 40.58 19.52
CA SER A 1 56.66 39.81 20.73
C SER A 1 57.35 38.48 20.41
N ASN A 2 58.48 38.19 21.06
CA ASN A 2 59.19 36.94 20.80
C ASN A 2 58.31 35.75 21.12
N ALA A 3 57.51 35.85 22.20
CA ALA A 3 56.59 34.77 22.54
C ALA A 3 55.62 34.49 21.41
N ILE A 4 55.07 35.55 20.81
CA ILE A 4 54.12 35.40 19.71
C ILE A 4 54.80 34.81 18.48
N GLU A 5 56.09 35.08 18.30
CA GLU A 5 56.79 34.53 17.14
C GLU A 5 57.03 33.02 17.30
N SER A 6 57.39 32.58 18.50
CA SER A 6 57.56 31.15 18.73
C SER A 6 56.23 30.42 18.72
N ARG A 7 55.16 31.12 19.13
CA ARG A 7 53.82 30.58 19.00
C ARG A 7 53.46 30.27 17.55
N ARG A 8 53.91 31.12 16.60
CA ARG A 8 53.66 30.88 15.18
C ARG A 8 54.39 29.64 14.69
N ALA A 9 55.61 29.41 15.18
CA ALA A 9 56.36 28.24 14.73
C ALA A 9 55.76 26.95 15.26
N VAL A 10 55.11 26.99 16.43
CA VAL A 10 54.44 25.80 16.95
C VAL A 10 53.23 25.46 16.09
N VAL A 11 52.40 26.47 15.79
CA VAL A 11 51.25 26.26 14.93
C VAL A 11 51.67 25.69 13.59
N ARG A 12 52.61 26.36 12.91
CA ARG A 12 53.04 25.94 11.58
C ARG A 12 53.61 24.51 11.58
N ALA A 13 54.44 24.18 12.58
CA ALA A 13 55.01 22.82 12.64
C ALA A 13 53.93 21.75 12.74
N TRP A 14 52.77 22.07 13.32
CA TRP A 14 51.66 21.15 13.27
C TRP A 14 50.80 21.39 12.02
N GLY A 15 50.38 22.63 11.80
CA GLY A 15 49.39 22.90 10.79
C GLY A 15 49.86 22.58 9.39
N ASN A 16 51.16 22.65 9.14
CA ASN A 16 51.70 22.64 7.79
C ASN A 16 52.39 21.32 7.44
N GLN A 17 52.12 20.25 8.18
CA GLN A 17 52.69 18.97 7.83
C GLN A 17 51.90 18.34 6.68
N SER A 18 52.60 17.56 5.85
CA SER A 18 51.96 16.78 4.80
C SER A 18 51.49 15.44 5.35
N ILE A 19 50.74 14.69 4.52
CA ILE A 19 50.31 13.36 4.96
C ILE A 19 51.52 12.46 5.20
N GLU A 20 52.46 12.45 4.26
CA GLU A 20 53.57 11.52 4.37
C GLU A 20 54.39 11.80 5.63
N GLU A 21 54.46 13.06 6.06
CA GLU A 21 55.10 13.40 7.32
C GLU A 21 54.19 13.05 8.50
N ALA A 22 52.93 13.45 8.43
CA ALA A 22 52.05 13.40 9.59
C ALA A 22 51.50 12.02 9.87
N ASP A 23 51.20 11.24 8.83
CA ASP A 23 50.66 9.90 8.99
C ASP A 23 51.22 8.99 7.93
N PRO A 24 52.42 8.45 8.15
CA PRO A 24 53.01 7.56 7.12
C PRO A 24 52.10 6.39 6.77
N GLU A 25 51.42 5.80 7.75
CA GLU A 25 50.62 4.63 7.47
C GLU A 25 49.43 4.97 6.55
N ILE A 26 48.69 6.03 6.84
CA ILE A 26 47.62 6.39 5.92
C ILE A 26 48.18 6.72 4.55
N HIS A 27 49.35 7.36 4.50
CA HIS A 27 49.89 7.74 3.20
C HIS A 27 50.25 6.52 2.39
N GLU A 28 50.75 5.46 3.03
CA GLU A 28 51.03 4.22 2.31
C GLU A 28 49.76 3.68 1.66
N PHE A 29 48.66 3.61 2.42
CA PHE A 29 47.43 3.08 1.87
C PHE A 29 46.89 3.96 0.76
N MET A 30 46.94 5.28 0.94
CA MET A 30 46.47 6.18 -0.11
C MET A 30 47.31 6.08 -1.37
N GLU A 31 48.59 5.73 -1.24
CA GLU A 31 49.40 5.56 -2.44
C GLU A 31 49.10 4.24 -3.13
N LYS A 32 48.92 3.16 -2.35
CA LYS A 32 48.52 1.90 -2.96
C LYS A 32 47.18 2.04 -3.70
N GLU A 33 46.29 2.90 -3.23
CA GLU A 33 45.00 3.06 -3.90
C GLU A 33 45.13 3.86 -5.20
N LYS A 34 46.04 4.85 -5.22
CA LYS A 34 46.32 5.57 -6.46
C LYS A 34 46.86 4.64 -7.53
N GLN A 35 47.77 3.73 -7.16
CA GLN A 35 48.26 2.75 -8.11
C GLN A 35 47.14 1.82 -8.60
N ARG A 36 46.27 1.39 -7.68
CA ARG A 36 45.18 0.50 -8.03
C ARG A 36 44.29 1.13 -9.10
N GLN A 37 43.94 2.40 -8.92
CA GLN A 37 43.09 3.12 -9.88
C GLN A 37 43.79 3.32 -11.21
N PHE A 38 45.09 3.62 -11.16
CA PHE A 38 45.84 3.86 -12.38
C PHE A 38 46.06 2.55 -13.16
N ARG A 39 46.27 1.44 -12.45
CA ARG A 39 46.70 0.18 -13.04
C ARG A 39 45.56 -0.79 -13.34
N GLY A 40 44.31 -0.36 -13.22
CA GLY A 40 43.19 -1.24 -13.45
C GLY A 40 42.21 -0.61 -14.41
N ILE A 41 41.22 -1.40 -14.80
CA ILE A 41 40.11 -0.95 -15.61
C ILE A 41 38.92 -0.71 -14.69
N GLU A 42 38.36 0.49 -14.74
CA GLU A 42 37.26 0.91 -13.85
C GLU A 42 35.98 0.88 -14.66
N LEU A 43 35.16 -0.15 -14.47
CA LEU A 43 33.95 -0.31 -15.27
C LEU A 43 32.67 -0.21 -14.45
N ILE A 44 32.78 0.10 -13.16
CA ILE A 44 31.61 0.34 -12.31
C ILE A 44 30.91 1.61 -12.78
N ALA A 45 29.63 1.47 -13.14
CA ALA A 45 28.92 2.52 -13.86
C ALA A 45 28.83 3.83 -13.08
N SER A 46 28.99 3.81 -11.76
CA SER A 46 28.80 5.01 -10.96
C SER A 46 30.11 5.62 -10.48
N GLU A 47 31.24 5.21 -11.06
CA GLU A 47 32.52 5.77 -10.68
C GLU A 47 32.96 6.79 -11.71
N ASN A 48 33.81 7.72 -11.28
CA ASN A 48 34.35 8.72 -12.19
C ASN A 48 35.64 9.26 -11.55
N PHE A 49 36.30 10.17 -12.27
CA PHE A 49 37.54 10.79 -11.79
C PHE A 49 37.36 12.29 -11.72
N VAL A 50 37.49 12.86 -10.52
CA VAL A 50 37.42 14.32 -10.34
C VAL A 50 38.73 14.98 -10.76
N CYS A 51 38.62 16.18 -11.32
CA CYS A 51 39.78 16.96 -11.72
C CYS A 51 40.45 17.62 -10.50
N ARG A 52 41.62 18.22 -10.75
CA ARG A 52 42.39 18.80 -9.65
C ARG A 52 41.65 19.97 -9.01
N ALA A 53 41.04 20.84 -9.83
CA ALA A 53 40.31 21.97 -9.28
C ALA A 53 39.20 21.50 -8.33
N VAL A 54 38.43 20.48 -8.72
CA VAL A 54 37.45 19.92 -7.80
C VAL A 54 38.14 19.44 -6.53
N MET A 55 39.30 18.79 -6.68
CA MET A 55 40.04 18.26 -5.53
C MET A 55 40.59 19.39 -4.66
N GLU A 56 41.11 20.46 -5.28
CA GLU A 56 41.59 21.59 -4.49
C GLU A 56 40.47 22.18 -3.64
N ALA A 57 39.25 22.28 -4.19
CA ALA A 57 38.12 22.76 -3.40
C ALA A 57 37.79 21.79 -2.28
N LEU A 58 37.73 20.49 -2.59
CA LEU A 58 37.45 19.49 -1.58
C LEU A 58 38.44 19.56 -0.41
N GLY A 59 39.67 19.96 -0.69
CA GLY A 59 40.67 19.95 0.37
C GLY A 59 41.09 21.36 0.73
N SER A 60 40.10 22.25 0.85
CA SER A 60 40.34 23.66 1.09
C SER A 60 39.81 24.08 2.46
N HIS A 61 39.97 25.36 2.74
CA HIS A 61 39.74 25.95 4.04
C HIS A 61 38.30 26.35 4.30
N LEU A 62 37.39 26.19 3.33
CA LEU A 62 36.00 26.56 3.59
C LEU A 62 35.37 25.70 4.69
N THR A 63 35.91 24.49 4.94
CA THR A 63 35.31 23.66 5.98
C THR A 63 35.50 24.25 7.37
N ASN A 64 36.52 25.08 7.58
CA ASN A 64 36.72 25.69 8.90
C ASN A 64 35.52 26.54 9.33
N LYS A 65 34.75 27.09 8.37
CA LYS A 65 33.61 27.94 8.69
C LYS A 65 32.34 27.13 8.83
N TYR A 66 31.60 27.33 9.92
CA TYR A 66 30.31 26.67 10.08
C TYR A 66 29.21 27.57 9.53
N SER A 67 28.32 26.99 8.72
CA SER A 67 27.35 27.73 7.93
C SER A 67 25.96 27.12 8.03
N GLU A 68 25.53 26.70 9.23
CA GLU A 68 24.16 26.26 9.42
C GLU A 68 23.18 27.26 8.80
N GLY A 69 22.20 26.74 8.07
CA GLY A 69 21.14 27.57 7.50
C GLY A 69 21.22 27.61 5.98
N MET A 70 20.42 28.53 5.40
CA MET A 70 20.42 28.75 3.96
C MET A 70 21.02 30.12 3.66
N PRO A 71 21.59 30.33 2.46
CA PRO A 71 22.22 31.62 2.17
C PRO A 71 21.23 32.77 2.33
N GLY A 72 21.75 33.92 2.74
CA GLY A 72 20.96 35.11 2.99
C GLY A 72 20.46 35.26 4.41
N ALA A 73 20.01 34.15 5.01
CA ALA A 73 19.58 34.10 6.41
C ALA A 73 20.33 32.93 7.06
N ARG A 74 21.50 33.22 7.62
CA ARG A 74 22.35 32.21 8.24
C ARG A 74 22.29 32.28 9.75
N TYR A 75 22.30 31.10 10.39
CA TYR A 75 22.39 31.00 11.86
C TYR A 75 23.63 31.71 12.39
N TYR A 76 24.76 31.56 11.70
CA TYR A 76 26.05 32.11 12.12
C TYR A 76 26.42 33.31 11.25
N THR A 77 26.96 34.34 11.89
CA THR A 77 27.48 35.45 11.10
C THR A 77 28.89 35.12 10.61
N GLY A 78 29.40 35.97 9.71
CA GLY A 78 30.68 35.72 9.09
C GLY A 78 30.62 34.88 7.84
N ASN A 79 29.45 34.73 7.23
CA ASN A 79 29.24 33.91 6.04
C ASN A 79 29.09 34.73 4.76
N GLN A 80 29.64 35.94 4.71
CA GLN A 80 29.51 36.74 3.49
C GLN A 80 30.06 35.99 2.29
N TYR A 81 31.23 35.38 2.44
CA TYR A 81 31.87 34.80 1.28
C TYR A 81 31.35 33.40 1.00
N ILE A 82 31.07 32.61 2.06
CA ILE A 82 30.40 31.32 1.90
C ILE A 82 29.03 31.49 1.23
N ASP A 83 28.31 32.56 1.58
CA ASP A 83 27.02 32.80 0.95
C ASP A 83 27.16 33.01 -0.54
N GLN A 84 28.07 33.91 -0.95
CA GLN A 84 28.38 34.11 -2.37
C GLN A 84 28.61 32.78 -3.06
N ILE A 85 29.46 31.94 -2.48
CA ILE A 85 29.79 30.67 -3.13
C ILE A 85 28.54 29.83 -3.31
N GLU A 86 27.71 29.73 -2.26
CA GLU A 86 26.54 28.85 -2.35
C GLU A 86 25.51 29.44 -3.31
N ILE A 87 25.33 30.75 -3.30
CA ILE A 87 24.44 31.34 -4.30
C ILE A 87 24.97 31.08 -5.70
N LEU A 88 26.25 31.37 -5.93
CA LEU A 88 26.83 31.05 -7.24
C LEU A 88 26.61 29.59 -7.59
N CYS A 89 26.74 28.71 -6.61
CA CYS A 89 26.51 27.29 -6.88
C CYS A 89 25.05 27.02 -7.22
N GLN A 90 24.13 27.74 -6.57
CA GLN A 90 22.72 27.60 -6.90
C GLN A 90 22.46 28.08 -8.33
N GLU A 91 22.94 29.28 -8.65
CA GLU A 91 22.79 29.81 -10.00
C GLU A 91 23.34 28.85 -11.04
N ARG A 92 24.54 28.34 -10.82
CA ARG A 92 25.14 27.42 -11.78
C ARG A 92 24.32 26.15 -11.92
N ALA A 93 23.74 25.67 -10.80
CA ALA A 93 22.89 24.48 -10.89
C ALA A 93 21.70 24.74 -11.80
N LEU A 94 21.03 25.88 -11.63
CA LEU A 94 19.92 26.19 -12.52
C LEU A 94 20.40 26.31 -13.96
N ALA A 95 21.57 26.92 -14.17
CA ALA A 95 22.06 27.14 -15.53
C ALA A 95 22.41 25.81 -16.21
N ALA A 96 23.07 24.90 -15.49
CA ALA A 96 23.49 23.64 -16.12
C ALA A 96 22.33 22.92 -16.78
N PHE A 97 21.12 23.07 -16.22
CA PHE A 97 19.94 22.37 -16.70
C PHE A 97 18.97 23.30 -17.41
N GLY A 98 19.45 24.45 -17.84
CA GLY A 98 18.61 25.41 -18.55
C GLY A 98 17.36 25.83 -17.82
N LEU A 99 17.40 25.92 -16.50
CA LEU A 99 16.22 26.29 -15.72
C LEU A 99 16.20 27.77 -15.42
N ASN A 100 14.99 28.30 -15.28
CA ASN A 100 14.76 29.70 -14.94
C ASN A 100 14.49 29.83 -13.44
N HIS A 101 15.10 30.84 -12.81
CA HIS A 101 14.98 30.93 -11.36
C HIS A 101 13.57 31.31 -10.90
N GLU A 102 12.69 31.73 -11.81
CA GLU A 102 11.32 32.03 -11.45
C GLU A 102 10.41 30.81 -11.54
N LYS A 103 10.84 29.74 -12.19
CA LYS A 103 10.06 28.51 -12.21
C LYS A 103 10.68 27.38 -11.40
N TRP A 104 11.97 27.50 -11.03
CA TRP A 104 12.66 26.45 -10.31
C TRP A 104 13.51 27.04 -9.19
N GLY A 105 13.55 26.30 -8.07
CA GLY A 105 14.49 26.58 -7.01
C GLY A 105 15.37 25.36 -6.81
N VAL A 106 16.46 25.56 -6.08
CA VAL A 106 17.41 24.47 -5.91
C VAL A 106 18.07 24.58 -4.53
N ASN A 107 18.23 23.44 -3.89
CA ASN A 107 18.96 23.33 -2.62
C ASN A 107 20.18 22.45 -2.89
N VAL A 108 21.37 22.96 -2.59
CA VAL A 108 22.59 22.20 -2.87
C VAL A 108 23.23 21.64 -1.59
N GLN A 109 22.47 21.57 -0.49
CA GLN A 109 23.03 21.10 0.79
C GLN A 109 22.93 19.59 1.08
N PRO A 110 22.05 18.82 0.44
CA PRO A 110 21.98 17.40 0.81
C PRO A 110 23.35 16.74 0.82
N TYR A 111 23.62 15.97 1.87
CA TYR A 111 24.89 15.26 1.96
C TYR A 111 25.02 14.18 0.90
N SER A 112 23.90 13.68 0.38
CA SER A 112 23.98 12.66 -0.67
C SER A 112 22.63 12.66 -1.37
N CYS A 113 22.54 11.86 -2.43
CA CYS A 113 21.26 11.74 -3.10
C CYS A 113 20.24 11.07 -2.21
N THR A 114 20.68 10.10 -1.41
CA THR A 114 19.75 9.42 -0.50
C THR A 114 19.16 10.41 0.49
N SER A 115 20.01 11.18 1.18
CA SER A 115 19.51 12.22 2.07
C SER A 115 18.54 13.15 1.34
N ALA A 116 18.86 13.48 0.09
CA ALA A 116 18.05 14.44 -0.65
C ALA A 116 16.66 13.89 -0.92
N ASN A 117 16.58 12.63 -1.38
CA ASN A 117 15.28 11.96 -1.49
C ASN A 117 14.56 11.95 -0.14
N PHE A 118 15.25 11.47 0.90
CA PHE A 118 14.61 11.44 2.22
C PHE A 118 14.17 12.83 2.63
N ALA A 119 14.93 13.86 2.26
CA ALA A 119 14.54 15.21 2.60
C ALA A 119 13.26 15.61 1.86
N VAL A 120 13.14 15.24 0.59
CA VAL A 120 11.93 15.54 -0.16
C VAL A 120 10.72 14.94 0.53
N PHE A 121 10.80 13.64 0.85
CA PHE A 121 9.69 12.96 1.51
C PHE A 121 9.34 13.64 2.82
N THR A 122 10.35 13.94 3.64
CA THR A 122 10.05 14.53 4.94
C THR A 122 9.37 15.87 4.79
N GLY A 123 9.77 16.66 3.79
CA GLY A 123 9.18 17.97 3.62
C GLY A 123 7.77 17.92 3.06
N LEU A 124 7.46 16.90 2.27
CA LEU A 124 6.20 16.88 1.53
C LEU A 124 5.15 15.98 2.13
N LEU A 125 5.53 14.98 2.92
CA LEU A 125 4.59 13.99 3.44
C LEU A 125 4.58 13.98 4.96
N MET A 126 3.43 13.62 5.51
CA MET A 126 3.38 13.13 6.88
C MET A 126 4.03 11.75 6.95
N PRO A 127 4.62 11.37 8.08
CA PRO A 127 5.07 9.99 8.24
C PRO A 127 3.94 9.03 7.91
N GLY A 128 4.19 8.10 6.99
CA GLY A 128 3.25 7.04 6.66
C GLY A 128 2.38 7.28 5.43
N GLU A 129 2.59 8.37 4.69
CA GLU A 129 1.86 8.54 3.43
C GLU A 129 2.54 7.73 2.33
N ARG A 130 1.89 7.67 1.17
CA ARG A 130 2.22 6.68 0.15
C ARG A 130 3.15 7.27 -0.90
N ILE A 131 4.31 6.62 -1.10
CA ILE A 131 5.21 6.90 -2.22
C ILE A 131 5.29 5.66 -3.08
N MET A 132 5.74 5.85 -4.32
CA MET A 132 5.73 4.75 -5.26
C MET A 132 6.89 4.97 -6.22
N GLY A 133 7.96 4.18 -6.07
CA GLY A 133 9.13 4.32 -6.89
C GLY A 133 9.48 3.00 -7.54
N LEU A 134 10.61 3.00 -8.25
CA LEU A 134 11.10 1.82 -8.93
C LEU A 134 12.01 1.04 -8.01
N ASP A 135 11.82 -0.28 -7.93
CA ASP A 135 12.71 -1.12 -7.15
C ASP A 135 13.51 -2.04 -8.07
N SER A 136 14.70 -2.41 -7.61
CA SER A 136 15.43 -3.47 -8.27
C SER A 136 14.81 -4.81 -7.88
N PRO A 137 14.99 -5.86 -8.70
CA PRO A 137 14.29 -7.13 -8.45
C PRO A 137 14.48 -7.75 -7.05
N LYS A 153 12.01 -4.24 6.09
CA LYS A 153 12.04 -2.81 5.75
C LYS A 153 13.48 -2.33 5.59
N VAL A 154 13.96 -2.33 4.33
CA VAL A 154 15.34 -2.01 4.00
C VAL A 154 15.60 -0.50 3.94
N SER A 155 15.04 0.18 2.94
CA SER A 155 15.34 1.59 2.74
C SER A 155 14.66 2.46 3.78
N GLY A 156 15.32 3.58 4.13
CA GLY A 156 14.77 4.48 5.12
C GLY A 156 13.42 5.04 4.72
N ALA A 157 13.22 5.25 3.41
CA ALA A 157 11.91 5.72 2.93
C ALA A 157 10.80 4.75 3.28
N SER A 158 11.07 3.43 3.18
CA SER A 158 10.03 2.44 3.45
C SER A 158 9.90 2.11 4.93
N ILE A 159 10.78 2.64 5.78
CA ILE A 159 10.63 2.48 7.22
C ILE A 159 9.64 3.49 7.77
N PHE A 160 9.72 4.73 7.28
CA PHE A 160 8.94 5.84 7.80
C PHE A 160 7.78 6.23 6.90
N PHE A 161 7.79 5.80 5.65
CA PHE A 161 6.69 6.02 4.73
C PHE A 161 6.19 4.68 4.21
N GLU A 162 4.97 4.69 3.70
CA GLU A 162 4.44 3.52 3.04
C GLU A 162 4.87 3.58 1.59
N SER A 163 5.65 2.60 1.16
CA SER A 163 6.18 2.61 -0.19
C SER A 163 5.72 1.35 -0.91
N PHE A 164 5.39 1.51 -2.18
CA PHE A 164 4.84 0.44 -3.02
C PHE A 164 5.64 0.48 -4.30
N PRO A 165 6.79 -0.20 -4.35
CA PRO A 165 7.61 -0.17 -5.55
C PRO A 165 6.94 -0.87 -6.73
N TYR A 166 7.18 -0.32 -7.92
CA TYR A 166 6.81 -0.93 -9.19
C TYR A 166 8.06 -1.53 -9.83
N LYS A 167 7.85 -2.33 -10.87
CA LYS A 167 8.91 -3.17 -11.39
C LYS A 167 8.92 -3.15 -12.92
N VAL A 168 10.12 -3.34 -13.47
CA VAL A 168 10.23 -3.54 -14.90
C VAL A 168 9.56 -4.84 -15.26
N ASP A 169 9.10 -4.93 -16.49
CA ASP A 169 8.60 -6.17 -17.05
C ASP A 169 9.74 -7.18 -17.06
N PRO A 170 9.64 -8.29 -16.31
CA PRO A 170 10.70 -9.31 -16.37
C PRO A 170 10.99 -9.80 -17.76
N ARG A 171 10.00 -9.80 -18.64
CA ARG A 171 10.20 -10.42 -19.94
C ARG A 171 11.05 -9.54 -20.85
N THR A 172 11.02 -8.22 -20.69
CA THR A 172 11.68 -7.33 -21.63
C THR A 172 12.75 -6.43 -21.01
N GLY A 173 12.80 -6.26 -19.71
CA GLY A 173 13.69 -5.30 -19.11
C GLY A 173 13.13 -3.90 -19.05
N TYR A 174 12.17 -3.56 -19.91
CA TYR A 174 11.59 -2.22 -19.92
C TYR A 174 10.47 -2.11 -18.91
N ILE A 175 10.24 -0.87 -18.44
CA ILE A 175 9.08 -0.59 -17.59
C ILE A 175 7.80 -0.92 -18.34
N ASP A 176 6.84 -1.52 -17.63
CA ASP A 176 5.52 -1.78 -18.19
C ASP A 176 4.63 -0.62 -17.76
N TYR A 177 4.43 0.34 -18.66
CA TYR A 177 3.75 1.58 -18.31
C TYR A 177 2.24 1.36 -18.12
N ASP A 178 1.65 0.42 -18.85
CA ASP A 178 0.22 0.17 -18.65
C ASP A 178 -0.04 -0.42 -17.27
N LYS A 179 0.70 -1.47 -16.91
CA LYS A 179 0.60 -1.97 -15.53
C LYS A 179 0.95 -0.89 -14.53
N LEU A 180 1.83 0.03 -14.89
CA LEU A 180 2.20 1.11 -13.98
C LEU A 180 1.04 2.06 -13.75
N GLU A 181 0.32 2.39 -14.82
CA GLU A 181 -0.81 3.30 -14.69
C GLU A 181 -1.91 2.66 -13.86
N GLU A 182 -2.13 1.36 -14.05
CA GLU A 182 -3.11 0.63 -13.23
C GLU A 182 -2.72 0.68 -11.76
N LYS A 183 -1.46 0.33 -11.45
CA LYS A 183 -1.01 0.29 -10.06
C LYS A 183 -1.14 1.66 -9.40
N ALA A 184 -0.61 2.70 -10.06
CA ALA A 184 -0.67 4.03 -9.47
C ALA A 184 -2.11 4.50 -9.29
N LEU A 185 -2.99 4.14 -10.23
CA LEU A 185 -4.39 4.55 -10.09
C LEU A 185 -5.08 3.81 -8.96
N ASP A 186 -4.66 2.56 -8.74
CA ASP A 186 -5.24 1.73 -7.69
C ASP A 186 -4.76 2.19 -6.32
N TYR A 187 -3.47 2.54 -6.23
CA TYR A 187 -2.81 2.82 -4.96
C TYR A 187 -2.78 4.30 -4.63
N ARG A 188 -2.75 5.17 -5.63
CA ARG A 188 -2.80 6.62 -5.50
C ARG A 188 -1.71 7.16 -4.58
N PRO A 189 -0.44 7.02 -4.94
CA PRO A 189 0.63 7.57 -4.12
C PRO A 189 0.60 9.09 -4.13
N LYS A 190 1.20 9.67 -3.08
CA LYS A 190 1.34 11.12 -3.04
C LYS A 190 2.52 11.58 -3.87
N ILE A 191 3.54 10.73 -4.00
CA ILE A 191 4.67 10.98 -4.86
C ILE A 191 4.87 9.74 -5.73
N LEU A 192 4.97 9.95 -7.03
CA LEU A 192 5.35 8.93 -8.00
C LEU A 192 6.79 9.22 -8.40
N ILE A 193 7.69 8.27 -8.15
CA ILE A 193 9.11 8.47 -8.39
C ILE A 193 9.54 7.63 -9.57
N CYS A 194 10.18 8.26 -10.53
CA CYS A 194 10.92 7.53 -11.55
C CYS A 194 12.39 7.80 -11.36
N GLY A 195 13.18 7.01 -12.04
CA GLY A 195 14.63 7.09 -11.90
C GLY A 195 15.13 6.07 -10.89
N GLY A 196 16.44 5.92 -10.88
CA GLY A 196 17.09 5.17 -9.83
C GLY A 196 17.57 3.81 -10.31
N SER A 197 18.07 3.04 -9.35
CA SER A 197 18.75 1.76 -9.58
C SER A 197 19.71 1.84 -10.76
N SER A 198 19.49 1.00 -11.76
CA SER A 198 20.43 0.88 -12.84
C SER A 198 19.63 0.49 -14.08
N TYR A 199 18.85 1.43 -14.55
CA TYR A 199 17.96 1.23 -15.68
C TYR A 199 18.63 1.71 -16.94
N PRO A 200 18.91 0.84 -17.91
CA PRO A 200 19.71 1.25 -19.08
C PRO A 200 18.95 1.91 -20.21
N ARG A 201 17.69 2.29 -20.05
CA ARG A 201 16.93 2.88 -21.14
C ARG A 201 16.34 4.21 -20.71
N ASP A 202 15.71 4.90 -21.66
CA ASP A 202 15.16 6.21 -21.36
C ASP A 202 13.83 6.09 -20.63
N TRP A 203 13.62 6.98 -19.67
CA TRP A 203 12.36 7.07 -18.97
C TRP A 203 11.38 7.86 -19.82
N GLU A 204 10.15 7.38 -19.93
CA GLU A 204 9.14 8.05 -20.74
C GLU A 204 8.39 9.06 -19.88
N PHE A 205 9.05 10.21 -19.65
CA PHE A 205 8.47 11.27 -18.83
C PHE A 205 7.05 11.68 -19.22
N PRO A 206 6.67 11.73 -20.50
CA PRO A 206 5.25 12.03 -20.80
C PRO A 206 4.27 11.06 -20.16
N ARG A 207 4.56 9.77 -20.18
CA ARG A 207 3.62 8.83 -19.60
C ARG A 207 3.57 8.95 -18.08
N PHE A 208 4.71 9.23 -17.45
CA PHE A 208 4.71 9.48 -16.01
C PHE A 208 3.87 10.69 -15.68
N ARG A 209 4.09 11.80 -16.38
CA ARG A 209 3.26 12.99 -16.18
C ARG A 209 1.79 12.64 -16.36
N HIS A 210 1.47 11.87 -17.41
CA HIS A 210 0.09 11.48 -17.62
C HIS A 210 -0.42 10.66 -16.44
N ILE A 211 0.38 9.70 -15.98
CA ILE A 211 -0.04 8.84 -14.87
C ILE A 211 -0.15 9.66 -13.59
N ALA A 212 0.85 10.50 -13.31
CA ALA A 212 0.80 11.32 -12.10
C ALA A 212 -0.42 12.22 -12.09
N ASP A 213 -0.76 12.77 -13.26
CA ASP A 213 -1.93 13.64 -13.33
C ASP A 213 -3.20 12.89 -13.00
N LYS A 214 -3.32 11.65 -13.48
CA LYS A 214 -4.57 10.92 -13.34
C LYS A 214 -4.84 10.55 -11.88
N CYS A 215 -3.80 10.24 -11.11
CA CYS A 215 -3.94 9.77 -9.74
C CYS A 215 -3.58 10.83 -8.70
N GLY A 216 -3.19 12.03 -9.13
CA GLY A 216 -3.04 13.11 -8.18
C GLY A 216 -1.73 13.15 -7.43
N ALA A 217 -0.69 12.51 -7.96
CA ALA A 217 0.61 12.50 -7.30
C ALA A 217 1.50 13.64 -7.79
N VAL A 218 2.43 14.06 -6.93
CA VAL A 218 3.58 14.84 -7.34
C VAL A 218 4.54 13.93 -8.10
N LEU A 219 5.13 14.46 -9.17
CA LEU A 219 6.03 13.67 -10.01
C LEU A 219 7.47 14.02 -9.70
N MET A 220 8.26 13.02 -9.35
CA MET A 220 9.63 13.22 -8.90
C MET A 220 10.57 12.38 -9.74
N PHE A 221 11.67 12.98 -10.17
CA PHE A 221 12.70 12.24 -10.87
C PHE A 221 13.96 12.20 -10.00
N ASP A 222 14.40 10.99 -9.68
CA ASP A 222 15.70 10.81 -9.06
C ASP A 222 16.67 10.55 -10.21
N MET A 223 17.46 11.56 -10.60
CA MET A 223 18.51 11.35 -11.58
C MET A 223 19.82 11.01 -10.87
N ALA A 224 19.82 9.87 -10.19
CA ALA A 224 21.06 9.37 -9.62
C ALA A 224 22.08 9.16 -10.72
N GLN A 225 21.79 8.26 -11.66
CA GLN A 225 22.84 7.81 -12.55
C GLN A 225 23.09 8.71 -13.76
N ILE A 226 22.18 9.61 -14.14
CA ILE A 226 22.28 10.21 -15.47
C ILE A 226 22.28 11.75 -15.49
N SER A 227 22.57 12.39 -14.35
CA SER A 227 22.53 13.85 -14.30
C SER A 227 23.44 14.50 -15.34
N GLY A 228 24.62 13.93 -15.58
CA GLY A 228 25.52 14.51 -16.56
C GLY A 228 24.97 14.48 -17.99
N LEU A 229 24.33 13.37 -18.36
CA LEU A 229 23.70 13.25 -19.68
C LEU A 229 22.60 14.28 -19.85
N VAL A 230 21.74 14.41 -18.84
CA VAL A 230 20.69 15.41 -18.88
C VAL A 230 21.27 16.80 -19.07
N ALA A 231 22.32 17.13 -18.30
CA ALA A 231 22.95 18.44 -18.44
C ALA A 231 23.46 18.66 -19.85
N ALA A 232 24.07 17.63 -20.46
CA ALA A 232 24.63 17.77 -21.81
C ALA A 232 23.57 17.73 -22.90
N LYS A 233 22.29 17.68 -22.54
CA LYS A 233 21.19 17.57 -23.51
C LYS A 233 21.37 16.31 -24.34
N GLU A 234 21.81 15.23 -23.69
CA GLU A 234 22.05 13.95 -24.33
C GLU A 234 21.16 12.85 -23.75
N SER A 235 20.26 13.20 -22.85
CA SER A 235 19.19 12.35 -22.34
C SER A 235 17.96 13.22 -22.31
N PRO A 236 16.76 12.62 -22.31
CA PRO A 236 15.54 13.43 -22.24
C PRO A 236 15.50 14.28 -20.97
N ASN A 237 14.86 15.45 -21.09
CA ASN A 237 14.90 16.49 -20.07
C ASN A 237 13.78 16.28 -19.04
N PRO A 238 14.09 15.84 -17.81
CA PRO A 238 13.01 15.65 -16.82
C PRO A 238 12.33 16.93 -16.45
N PHE A 239 12.99 18.07 -16.60
CA PHE A 239 12.42 19.30 -16.05
C PHE A 239 11.24 19.79 -16.85
N ASP A 240 11.03 19.28 -18.07
CA ASP A 240 9.83 19.65 -18.78
C ASP A 240 8.59 18.97 -18.23
N TYR A 241 8.75 18.02 -17.31
CA TYR A 241 7.62 17.21 -16.87
C TYR A 241 7.54 16.98 -15.37
N CYS A 242 8.62 17.07 -14.61
CA CYS A 242 8.55 16.71 -13.21
C CYS A 242 8.30 17.94 -12.34
N ASP A 243 7.86 17.66 -11.12
CA ASP A 243 7.72 18.73 -10.13
C ASP A 243 8.92 18.82 -9.21
N ILE A 244 9.60 17.70 -8.99
CA ILE A 244 10.80 17.62 -8.16
C ILE A 244 11.82 16.80 -8.89
N VAL A 245 13.08 17.24 -8.85
CA VAL A 245 14.19 16.45 -9.40
C VAL A 245 15.32 16.48 -8.40
N THR A 246 15.78 15.31 -7.99
CA THR A 246 16.95 15.20 -7.14
C THR A 246 18.05 14.58 -7.96
N SER A 247 19.29 14.80 -7.54
CA SER A 247 20.40 14.24 -8.29
C SER A 247 21.58 13.98 -7.36
N THR A 248 22.47 13.08 -7.79
CA THR A 248 23.79 13.00 -7.20
C THR A 248 24.69 14.05 -7.84
N THR A 249 25.90 14.16 -7.32
CA THR A 249 26.83 15.15 -7.80
C THR A 249 28.17 14.55 -8.16
N HIS A 250 28.37 13.24 -7.91
CA HIS A 250 29.67 12.62 -8.06
C HIS A 250 29.76 11.60 -9.19
N LYS A 251 28.65 11.31 -9.87
CA LYS A 251 28.65 10.17 -10.79
C LYS A 251 28.95 10.65 -12.22
N SER A 252 27.94 10.85 -13.04
CA SER A 252 28.24 11.40 -14.36
C SER A 252 28.63 12.88 -14.32
N LEU A 253 28.24 13.61 -13.27
CA LEU A 253 28.57 15.04 -13.18
C LEU A 253 30.06 15.28 -12.92
N ARG A 254 30.75 14.34 -12.26
CA ARG A 254 32.17 14.45 -11.94
C ARG A 254 32.45 15.50 -10.86
N GLY A 255 31.49 15.77 -10.00
CA GLY A 255 31.75 16.65 -8.90
C GLY A 255 32.08 15.88 -7.64
N PRO A 256 31.84 16.50 -6.48
CA PRO A 256 32.15 15.84 -5.21
C PRO A 256 30.99 14.97 -4.80
N ARG A 257 31.07 14.26 -3.68
CA ARG A 257 29.88 13.65 -3.12
C ARG A 257 28.90 14.72 -2.70
N GLY A 258 27.63 14.35 -2.64
CA GLY A 258 26.59 15.32 -2.37
C GLY A 258 25.34 15.04 -3.17
N GLY A 259 24.27 15.77 -2.87
CA GLY A 259 23.05 15.69 -3.66
C GLY A 259 22.46 17.07 -3.89
N ILE A 260 21.49 17.12 -4.79
CA ILE A 260 20.81 18.36 -5.15
C ILE A 260 19.34 18.08 -5.09
N ILE A 261 18.56 19.10 -4.74
CA ILE A 261 17.11 19.07 -4.87
C ILE A 261 16.71 20.25 -5.72
N PHE A 262 16.11 19.98 -6.88
CA PHE A 262 15.42 20.99 -7.68
C PHE A 262 13.92 20.87 -7.46
N TYR A 263 13.24 22.01 -7.49
CA TYR A 263 11.81 21.99 -7.23
C TYR A 263 11.14 23.18 -7.94
N LYS A 264 9.86 22.98 -8.30
CA LYS A 264 9.09 24.02 -8.96
C LYS A 264 8.80 25.17 -8.01
N ARG A 265 8.72 26.38 -8.57
CA ARG A 265 8.47 27.61 -7.83
C ARG A 265 7.32 28.35 -8.49
N GLY A 266 6.85 29.41 -7.81
CA GLY A 266 5.90 30.33 -8.39
C GLY A 266 4.52 29.73 -8.64
N LEU A 267 3.72 30.48 -9.40
CA LEU A 267 2.34 30.09 -9.66
C LEU A 267 2.25 28.80 -10.47
N LYS A 268 1.11 27.98 -10.24
CA LYS A 268 0.77 26.67 -10.80
C LYS A 268 0.07 26.82 -12.16
N PRO A 269 0.17 25.80 -13.04
CA PRO A 269 -0.56 25.80 -14.33
C PRO A 269 -2.08 25.84 -14.17
N ILE A 283 -3.12 29.78 -6.29
CA ILE A 283 -2.37 29.14 -5.22
C ILE A 283 -0.96 28.81 -5.76
N GLN A 284 0.07 29.22 -5.01
CA GLN A 284 1.45 29.05 -5.44
C GLN A 284 1.90 27.60 -5.25
N TYR A 285 3.14 27.32 -5.66
CA TYR A 285 3.77 26.04 -5.39
C TYR A 285 4.29 26.00 -3.95
N ASP A 286 4.18 24.84 -3.31
CA ASP A 286 4.39 24.71 -1.87
C ASP A 286 5.81 24.28 -1.49
N PHE A 287 6.59 23.78 -2.45
CA PHE A 287 7.72 22.92 -2.12
C PHE A 287 8.80 23.66 -1.34
N GLU A 288 9.01 24.95 -1.63
CA GLU A 288 10.29 25.58 -1.28
C GLU A 288 10.48 25.67 0.23
N GLU A 289 9.51 26.22 0.96
CA GLU A 289 9.61 26.31 2.41
C GLU A 289 9.84 24.92 3.02
N LYS A 290 9.04 23.94 2.59
CA LYS A 290 9.01 22.62 3.22
C LYS A 290 10.31 21.88 3.01
N ILE A 291 10.81 21.88 1.78
CA ILE A 291 12.02 21.14 1.45
C ILE A 291 13.24 21.76 2.13
N ASN A 292 13.34 23.10 2.11
CA ASN A 292 14.48 23.74 2.75
C ASN A 292 14.50 23.44 4.24
N PHE A 293 13.35 23.62 4.91
CA PHE A 293 13.28 23.32 6.34
C PHE A 293 13.54 21.86 6.63
N SER A 294 13.24 20.97 5.70
CA SER A 294 13.47 19.56 5.93
C SER A 294 14.97 19.24 5.87
N VAL A 295 15.70 19.90 4.95
CA VAL A 295 17.15 19.71 4.88
C VAL A 295 17.82 20.29 6.12
N PHE A 296 17.40 21.48 6.55
CA PHE A 296 17.93 22.04 7.74
C PHE A 296 16.87 22.95 8.32
N PRO A 297 16.55 22.84 9.61
CA PRO A 297 17.26 22.05 10.64
C PRO A 297 16.84 20.58 10.86
N SER A 298 15.89 20.06 10.09
CA SER A 298 15.30 18.76 10.44
C SER A 298 16.32 17.64 10.36
N LEU A 299 16.90 17.42 9.19
CA LEU A 299 17.63 16.19 8.96
C LEU A 299 19.14 16.33 8.92
N GLN A 300 19.67 17.52 8.69
CA GLN A 300 21.12 17.66 8.54
C GLN A 300 21.62 18.73 9.50
N GLY A 301 22.94 18.73 9.69
CA GLY A 301 23.62 19.85 10.30
C GLY A 301 24.03 20.87 9.26
N GLY A 302 25.15 21.53 9.51
CA GLY A 302 25.66 22.50 8.57
C GLY A 302 26.09 21.86 7.27
N PRO A 303 26.14 22.65 6.20
CA PRO A 303 26.54 22.12 4.90
C PRO A 303 28.03 21.84 4.86
N HIS A 304 28.40 20.93 3.97
CA HIS A 304 29.80 20.66 3.68
C HIS A 304 30.28 21.72 2.68
N ASN A 305 30.78 22.85 3.22
CA ASN A 305 31.13 23.99 2.38
C ASN A 305 32.15 23.61 1.31
N ASN A 306 33.14 22.78 1.65
CA ASN A 306 34.10 22.34 0.64
C ASN A 306 33.40 21.60 -0.49
N HIS A 307 32.38 20.82 -0.18
CA HIS A 307 31.66 20.11 -1.24
C HIS A 307 30.86 21.07 -2.11
N ILE A 308 30.35 22.14 -1.51
CA ILE A 308 29.49 23.05 -2.27
C ILE A 308 30.31 23.83 -3.29
N ALA A 309 31.48 24.33 -2.89
CA ALA A 309 32.35 25.03 -3.82
C ALA A 309 32.89 24.07 -4.88
N ALA A 310 33.18 22.83 -4.50
CA ALA A 310 33.60 21.87 -5.52
C ALA A 310 32.49 21.66 -6.55
N LEU A 311 31.25 21.59 -6.08
CA LEU A 311 30.12 21.41 -6.97
C LEU A 311 29.90 22.62 -7.86
N ALA A 312 30.14 23.83 -7.31
CA ALA A 312 30.11 25.01 -8.15
C ALA A 312 31.08 24.87 -9.30
N ILE A 313 32.25 24.30 -9.03
CA ILE A 313 33.26 24.17 -10.08
C ILE A 313 32.81 23.15 -11.11
N ALA A 314 32.30 22.01 -10.64
CA ALA A 314 31.81 20.97 -11.54
C ALA A 314 30.59 21.44 -12.34
N LEU A 315 29.70 22.20 -11.71
CA LEU A 315 28.51 22.65 -12.42
C LEU A 315 28.86 23.69 -13.48
N LYS A 316 29.90 24.48 -13.25
CA LYS A 316 30.36 25.38 -14.30
C LYS A 316 30.97 24.60 -15.45
N GLN A 317 31.47 23.40 -15.20
CA GLN A 317 32.01 22.65 -16.31
C GLN A 317 30.91 21.89 -17.03
N ALA A 318 29.92 21.38 -16.27
CA ALA A 318 28.81 20.64 -16.85
C ALA A 318 28.08 21.44 -17.92
N ALA A 319 28.26 22.76 -17.95
CA ALA A 319 27.57 23.60 -18.92
C ALA A 319 28.47 23.99 -20.08
N SER A 320 29.74 23.64 -20.03
CA SER A 320 30.71 23.95 -21.08
C SER A 320 30.43 23.15 -22.35
N PRO A 321 30.94 23.60 -23.49
CA PRO A 321 30.91 22.74 -24.68
C PRO A 321 31.81 21.51 -24.56
N GLU A 322 32.99 21.66 -23.95
CA GLU A 322 33.88 20.51 -23.77
C GLU A 322 33.17 19.38 -23.06
N TYR A 323 32.37 19.70 -22.04
CA TYR A 323 31.69 18.65 -21.27
C TYR A 323 30.62 17.95 -22.10
N LYS A 324 29.94 18.69 -22.97
CA LYS A 324 29.00 18.06 -23.90
C LYS A 324 29.72 17.03 -24.78
N LEU A 325 30.94 17.32 -25.21
CA LEU A 325 31.70 16.32 -25.97
C LEU A 325 31.98 15.09 -25.10
N TYR A 326 32.44 15.30 -23.87
CA TYR A 326 32.69 14.18 -22.98
C TYR A 326 31.47 13.28 -22.85
N MET A 327 30.29 13.87 -22.61
CA MET A 327 29.09 13.05 -22.41
C MET A 327 28.71 12.30 -23.68
N ARG A 328 28.78 12.97 -24.83
CA ARG A 328 28.58 12.26 -26.08
C ARG A 328 29.52 11.06 -26.18
N GLN A 329 30.78 11.21 -25.72
CA GLN A 329 31.71 10.10 -25.79
C GLN A 329 31.35 9.00 -24.80
N VAL A 330 30.88 9.40 -23.60
CA VAL A 330 30.37 8.42 -22.65
C VAL A 330 29.30 7.55 -23.29
N LYS A 331 28.30 8.20 -23.89
CA LYS A 331 27.21 7.50 -24.56
C LYS A 331 27.73 6.61 -25.68
N LYS A 332 28.71 7.11 -26.45
CA LYS A 332 29.27 6.32 -27.54
C LYS A 332 30.19 5.21 -27.04
N ASN A 333 30.89 5.42 -25.92
CA ASN A 333 31.73 4.35 -25.39
C ASN A 333 30.86 3.24 -24.80
N ALA A 334 29.75 3.60 -24.17
CA ALA A 334 28.85 2.57 -23.65
C ALA A 334 28.23 1.77 -24.79
N LYS A 335 27.89 2.43 -25.90
CA LYS A 335 27.34 1.70 -27.04
C LYS A 335 28.38 0.77 -27.66
N ALA A 336 29.60 1.27 -27.86
CA ALA A 336 30.65 0.43 -28.46
C ALA A 336 30.92 -0.80 -27.61
N LEU A 337 30.88 -0.65 -26.29
CA LEU A 337 31.11 -1.79 -25.41
C LEU A 337 29.93 -2.74 -25.44
N ALA A 338 28.71 -2.19 -25.43
CA ALA A 338 27.52 -3.05 -25.59
C ALA A 338 27.62 -3.86 -26.86
N SER A 339 27.84 -3.20 -28.00
CA SER A 339 27.89 -3.88 -29.29
C SER A 339 28.93 -4.99 -29.31
N ALA A 340 30.11 -4.75 -28.72
CA ALA A 340 31.15 -5.77 -28.75
C ALA A 340 30.73 -7.01 -27.98
N LEU A 341 30.00 -6.82 -26.86
CA LEU A 341 29.47 -7.95 -26.10
C LEU A 341 28.32 -8.63 -26.85
N ILE A 342 27.51 -7.85 -27.57
CA ILE A 342 26.43 -8.44 -28.36
C ILE A 342 27.02 -9.35 -29.43
N SER A 343 28.13 -8.94 -30.04
CA SER A 343 28.73 -9.74 -31.09
C SER A 343 29.40 -11.01 -30.57
N ARG A 344 29.46 -11.21 -29.25
CA ARG A 344 29.92 -12.47 -28.67
C ARG A 344 28.77 -13.25 -28.05
N LYS A 345 27.53 -12.90 -28.42
CA LYS A 345 26.31 -13.60 -27.99
C LYS A 345 26.03 -13.44 -26.50
N CYS A 346 26.47 -12.34 -25.91
CA CYS A 346 26.08 -12.03 -24.54
C CYS A 346 24.65 -11.54 -24.52
N LYS A 347 23.90 -11.91 -23.47
CA LYS A 347 22.55 -11.41 -23.27
C LYS A 347 22.62 -10.15 -22.42
N LEU A 348 22.27 -9.02 -22.99
CA LEU A 348 22.14 -7.78 -22.23
C LEU A 348 20.66 -7.47 -22.00
N ILE A 349 20.35 -6.98 -20.80
CA ILE A 349 18.96 -6.67 -20.46
C ILE A 349 18.50 -5.47 -21.28
N THR A 350 17.30 -5.59 -21.84
CA THR A 350 16.70 -4.72 -22.86
C THR A 350 17.49 -4.77 -24.18
N GLY A 351 18.55 -5.57 -24.23
CA GLY A 351 19.32 -5.74 -25.46
C GLY A 351 20.32 -4.64 -25.77
N GLY A 352 20.62 -3.77 -24.84
CA GLY A 352 21.52 -2.66 -25.14
C GLY A 352 21.34 -1.55 -24.11
N THR A 353 21.60 -0.32 -24.55
CA THR A 353 21.50 0.82 -23.64
C THR A 353 21.21 2.10 -24.41
N ASP A 354 20.45 2.99 -23.75
CA ASP A 354 20.29 4.36 -24.21
C ASP A 354 21.28 5.31 -23.56
N ASN A 355 22.01 4.87 -22.54
CA ASN A 355 22.81 5.78 -21.74
C ASN A 355 24.22 5.25 -21.54
N HIS A 356 24.66 5.20 -20.28
CA HIS A 356 26.06 5.00 -19.99
C HIS A 356 26.35 3.64 -19.38
N LEU A 357 25.32 2.89 -19.01
CA LEU A 357 25.46 1.63 -18.30
C LEU A 357 24.75 0.53 -19.07
N LEU A 358 25.13 -0.70 -18.75
CA LEU A 358 24.43 -1.83 -19.33
C LEU A 358 24.47 -2.99 -18.34
N LEU A 359 23.42 -3.82 -18.38
CA LEU A 359 23.27 -4.96 -17.50
C LEU A 359 23.42 -6.24 -18.33
N TRP A 360 24.27 -7.14 -17.85
CA TRP A 360 24.70 -8.32 -18.60
C TRP A 360 24.26 -9.56 -17.83
N ASP A 361 23.35 -10.34 -18.42
CA ASP A 361 22.91 -11.61 -17.87
C ASP A 361 23.99 -12.64 -18.11
N LEU A 362 24.62 -13.13 -17.05
CA LEU A 362 25.67 -14.15 -17.20
C LEU A 362 25.13 -15.57 -17.06
N THR A 363 23.86 -15.75 -16.69
CA THR A 363 23.24 -17.08 -16.60
C THR A 363 23.46 -17.94 -17.85
N PRO A 364 23.29 -17.43 -19.09
CA PRO A 364 23.64 -18.27 -20.25
C PRO A 364 25.02 -18.90 -20.12
N LEU A 365 26.00 -18.11 -19.70
CA LEU A 365 27.38 -18.57 -19.56
C LEU A 365 27.59 -19.45 -18.33
N GLY A 366 26.54 -19.75 -17.58
CA GLY A 366 26.65 -20.60 -16.41
C GLY A 366 27.42 -19.95 -15.27
N LEU A 367 27.26 -18.64 -15.08
CA LEU A 367 27.98 -17.89 -14.06
C LEU A 367 27.02 -17.04 -13.22
N THR A 368 27.44 -16.78 -11.99
CA THR A 368 26.73 -15.85 -11.12
C THR A 368 27.46 -14.51 -11.11
N GLY A 369 26.73 -13.46 -10.78
CA GLY A 369 27.36 -12.15 -10.67
C GLY A 369 28.45 -12.13 -9.62
N LYS A 370 28.22 -12.82 -8.49
CA LYS A 370 29.23 -12.84 -7.43
C LYS A 370 30.54 -13.47 -7.92
N VAL A 371 30.46 -14.65 -8.54
CA VAL A 371 31.68 -15.32 -8.98
C VAL A 371 32.42 -14.47 -10.00
N TYR A 372 31.69 -13.93 -10.98
CA TYR A 372 32.32 -13.14 -12.03
C TYR A 372 32.95 -11.88 -11.46
N GLU A 373 32.26 -11.23 -10.52
CA GLU A 373 32.79 -10.07 -9.82
C GLU A 373 34.19 -10.34 -9.28
N LYS A 374 34.36 -11.50 -8.62
CA LYS A 374 35.62 -11.77 -7.95
C LYS A 374 36.71 -12.12 -8.96
N VAL A 375 36.36 -12.71 -10.10
CA VAL A 375 37.38 -13.03 -11.10
C VAL A 375 37.87 -11.76 -11.78
N CYS A 376 36.95 -10.89 -12.19
CA CYS A 376 37.35 -9.60 -12.75
C CYS A 376 38.30 -8.84 -11.83
N GLU A 377 37.97 -8.77 -10.54
CA GLU A 377 38.83 -8.09 -9.58
C GLU A 377 40.22 -8.71 -9.54
N MET A 378 40.31 -10.02 -9.70
CA MET A 378 41.62 -10.64 -9.80
C MET A 378 42.39 -10.18 -11.03
N CYS A 379 41.73 -9.51 -11.97
CA CYS A 379 42.40 -9.04 -13.18
C CYS A 379 42.42 -7.51 -13.27
N HIS A 380 42.26 -6.81 -12.14
CA HIS A 380 42.19 -5.35 -12.11
C HIS A 380 41.06 -4.84 -13.01
N ILE A 381 39.95 -5.58 -13.01
CA ILE A 381 38.70 -5.15 -13.63
C ILE A 381 37.66 -5.04 -12.52
N THR A 382 37.13 -3.85 -12.32
CA THR A 382 36.08 -3.65 -11.32
C THR A 382 34.74 -3.53 -12.02
N VAL A 383 33.85 -4.44 -11.66
CA VAL A 383 32.45 -4.40 -12.02
C VAL A 383 31.68 -4.68 -10.73
N ASN A 384 30.38 -4.50 -10.75
CA ASN A 384 29.61 -4.92 -9.59
C ASN A 384 28.39 -5.74 -10.03
N LYS A 385 28.06 -6.74 -9.23
CA LYS A 385 26.89 -7.56 -9.48
C LYS A 385 25.62 -6.77 -9.21
N VAL A 386 24.52 -7.20 -9.85
CA VAL A 386 23.20 -6.64 -9.61
C VAL A 386 22.18 -7.75 -9.82
N ALA A 387 21.07 -7.67 -9.10
CA ALA A 387 20.01 -8.63 -9.34
C ALA A 387 19.28 -8.29 -10.63
N ILE A 388 18.96 -9.32 -11.40
CA ILE A 388 18.24 -9.17 -12.66
C ILE A 388 17.11 -10.18 -12.67
N PHE A 389 16.28 -10.09 -13.70
CA PHE A 389 15.23 -11.08 -13.94
C PHE A 389 15.66 -12.02 -15.04
N SER A 390 15.27 -13.29 -14.90
CA SER A 390 15.24 -14.19 -16.04
C SER A 390 13.99 -13.90 -16.88
N GLU A 391 13.94 -14.48 -18.09
CA GLU A 391 12.82 -14.21 -18.99
C GLU A 391 11.49 -14.57 -18.35
N ASN A 392 11.44 -15.68 -17.61
CA ASN A 392 10.21 -16.17 -16.99
C ASN A 392 9.78 -15.36 -15.77
N GLY A 393 10.68 -14.55 -15.21
CA GLY A 393 10.32 -13.69 -14.10
C GLY A 393 10.91 -14.07 -12.76
N VAL A 394 11.75 -15.11 -12.70
CA VAL A 394 12.43 -15.46 -11.46
C VAL A 394 13.67 -14.58 -11.32
N ILE A 395 14.02 -14.26 -10.07
CA ILE A 395 15.19 -13.44 -9.82
C ILE A 395 16.45 -14.26 -10.05
N SER A 396 17.31 -13.76 -10.88
CA SER A 396 18.54 -14.46 -11.15
C SER A 396 19.71 -13.81 -10.43
N PRO A 397 20.69 -14.62 -10.00
CA PRO A 397 21.91 -14.08 -9.39
C PRO A 397 23.02 -13.79 -10.38
N GLY A 398 22.75 -13.95 -11.67
CA GLY A 398 23.78 -13.87 -12.69
C GLY A 398 23.90 -12.52 -13.38
N GLY A 399 23.50 -11.44 -12.70
CA GLY A 399 23.56 -10.12 -13.29
C GLY A 399 24.84 -9.38 -12.90
N VAL A 400 25.44 -8.71 -13.89
CA VAL A 400 26.55 -7.80 -13.65
C VAL A 400 26.27 -6.50 -14.38
N ARG A 401 26.71 -5.39 -13.77
CA ARG A 401 26.49 -4.05 -14.27
C ARG A 401 27.82 -3.39 -14.57
N ILE A 402 27.92 -2.70 -15.72
CA ILE A 402 29.13 -2.01 -16.12
C ILE A 402 28.77 -0.70 -16.82
N GLY A 403 29.76 0.17 -16.95
CA GLY A 403 29.51 1.50 -17.48
C GLY A 403 30.78 2.20 -17.89
N SER A 404 30.62 3.26 -18.70
CA SER A 404 31.70 3.93 -19.40
C SER A 404 32.23 5.26 -18.85
N PRO A 405 31.57 5.94 -17.90
CA PRO A 405 32.04 7.30 -17.56
C PRO A 405 33.47 7.35 -17.05
N ALA A 406 33.89 6.39 -16.22
CA ALA A 406 35.22 6.45 -15.60
C ALA A 406 36.34 6.37 -16.64
N MET A 407 36.36 5.30 -17.44
CA MET A 407 37.42 5.17 -18.44
C MET A 407 37.30 6.17 -19.57
N THR A 408 36.10 6.72 -19.80
CA THR A 408 36.00 7.83 -20.74
C THR A 408 36.72 9.07 -20.22
N SER A 409 36.66 9.32 -18.91
CA SER A 409 37.40 10.46 -18.38
C SER A 409 38.90 10.23 -18.45
N ARG A 410 39.34 8.98 -18.47
CA ARG A 410 40.76 8.68 -18.62
C ARG A 410 41.22 8.75 -20.07
N GLY A 411 40.32 9.05 -21.00
CA GLY A 411 40.68 9.25 -22.40
C GLY A 411 40.23 8.17 -23.36
N CYS A 412 39.64 7.08 -22.88
CA CYS A 412 39.33 5.96 -23.74
C CYS A 412 38.28 6.34 -24.78
N LEU A 413 38.54 5.99 -26.04
CA LEU A 413 37.56 6.10 -27.09
C LEU A 413 36.96 4.72 -27.36
N GLU A 414 36.29 4.59 -28.49
CA GLU A 414 35.52 3.38 -28.74
C GLU A 414 36.40 2.16 -28.95
N PRO A 415 37.51 2.25 -29.70
CA PRO A 415 38.37 1.06 -29.85
C PRO A 415 38.80 0.48 -28.51
N GLU A 416 39.04 1.34 -27.51
CA GLU A 416 39.45 0.85 -26.21
C GLU A 416 38.31 0.17 -25.47
N PHE A 417 37.07 0.61 -25.70
CA PHE A 417 35.98 -0.07 -25.03
C PHE A 417 35.70 -1.42 -25.67
N GLU A 418 36.05 -1.60 -26.95
CA GLU A 418 35.95 -2.92 -27.57
C GLU A 418 36.99 -3.86 -26.98
N THR A 419 38.24 -3.40 -26.87
CA THR A 419 39.25 -4.17 -26.14
C THR A 419 38.74 -4.57 -24.77
N MET A 420 38.15 -3.63 -24.03
CA MET A 420 37.69 -3.96 -22.69
C MET A 420 36.61 -5.03 -22.71
N ALA A 421 35.71 -4.99 -23.70
CA ALA A 421 34.74 -6.08 -23.83
C ALA A 421 35.46 -7.41 -24.04
N ASP A 422 36.58 -7.40 -24.76
CA ASP A 422 37.35 -8.63 -24.95
C ASP A 422 37.88 -9.14 -23.62
N PHE A 423 38.41 -8.25 -22.79
CA PHE A 423 38.83 -8.65 -21.46
C PHE A 423 37.66 -9.25 -20.69
N LEU A 424 36.53 -8.56 -20.71
CA LEU A 424 35.37 -9.03 -19.95
C LEU A 424 34.93 -10.41 -20.40
N TYR A 425 34.81 -10.63 -21.71
CA TYR A 425 34.37 -11.93 -22.18
C TYR A 425 35.39 -13.01 -21.82
N ARG A 426 36.68 -12.71 -21.97
CA ARG A 426 37.70 -13.69 -21.61
C ARG A 426 37.65 -14.03 -20.13
N ALA A 427 37.43 -13.04 -19.27
CA ALA A 427 37.26 -13.32 -17.84
C ALA A 427 36.11 -14.28 -17.59
N ALA A 428 34.94 -14.01 -18.21
CA ALA A 428 33.83 -14.95 -18.12
C ALA A 428 34.21 -16.33 -18.65
N GLN A 429 34.90 -16.38 -19.78
CA GLN A 429 35.34 -17.66 -20.33
C GLN A 429 36.17 -18.43 -19.31
N ILE A 430 37.02 -17.71 -18.58
CA ILE A 430 37.83 -18.35 -17.55
C ILE A 430 36.94 -18.84 -16.42
N ALA A 431 36.06 -17.97 -15.93
CA ALA A 431 35.19 -18.33 -14.79
C ALA A 431 34.27 -19.51 -15.08
N SER A 432 34.13 -19.92 -16.34
CA SER A 432 33.46 -21.20 -16.63
C SER A 432 34.41 -22.37 -16.42
N ALA A 433 35.08 -22.37 -15.26
CA ALA A 433 35.62 -23.58 -14.65
C ALA A 433 34.80 -23.98 -13.43
N ALA A 434 33.88 -23.10 -13.00
CA ALA A 434 32.97 -23.26 -11.87
C ALA A 434 32.48 -24.71 -11.68
N LYS A 453 45.64 -19.58 -12.69
CA LYS A 453 46.53 -19.98 -13.77
C LYS A 453 46.53 -18.97 -14.94
N GLU A 454 45.55 -19.07 -15.83
CA GLU A 454 45.50 -18.16 -16.98
C GLU A 454 45.06 -16.75 -16.60
N ILE A 455 44.74 -16.53 -15.33
CA ILE A 455 44.37 -15.19 -14.86
C ILE A 455 45.58 -14.28 -14.91
N ALA A 456 46.78 -14.81 -14.64
CA ALA A 456 47.98 -13.98 -14.67
C ALA A 456 48.14 -13.29 -16.02
N ASP A 457 47.92 -14.03 -17.11
CA ASP A 457 47.95 -13.44 -18.44
C ASP A 457 46.96 -12.29 -18.56
N LEU A 458 45.72 -12.51 -18.11
CA LEU A 458 44.69 -11.48 -18.26
C LEU A 458 45.02 -10.25 -17.42
N ARG A 459 45.38 -10.46 -16.15
CA ARG A 459 45.75 -9.33 -15.30
C ARG A 459 46.92 -8.56 -15.90
N ASN A 460 47.94 -9.28 -16.39
CA ASN A 460 49.08 -8.63 -17.03
C ASN A 460 48.63 -7.82 -18.24
N GLN A 461 47.71 -8.35 -19.02
CA GLN A 461 47.23 -7.65 -20.22
C GLN A 461 46.36 -6.45 -19.86
N VAL A 462 45.55 -6.58 -18.81
CA VAL A 462 44.70 -5.45 -18.38
C VAL A 462 45.56 -4.33 -17.85
N GLU A 463 46.58 -4.67 -17.06
CA GLU A 463 47.42 -3.64 -16.47
C GLU A 463 48.28 -2.96 -17.54
N ALA A 464 48.88 -3.76 -18.44
CA ALA A 464 49.55 -3.18 -19.60
C ALA A 464 48.61 -2.28 -20.38
N PHE A 465 47.33 -2.64 -20.45
CA PHE A 465 46.36 -1.82 -21.15
C PHE A 465 46.05 -0.54 -20.35
N ALA A 466 45.61 -0.69 -19.08
CA ALA A 466 45.14 0.47 -18.33
C ALA A 466 46.24 1.52 -18.16
N THR A 467 47.48 1.08 -17.93
CA THR A 467 48.53 2.04 -17.63
C THR A 467 48.91 2.91 -18.82
N GLN A 468 48.21 2.79 -19.95
CA GLN A 468 48.44 3.66 -21.09
C GLN A 468 47.68 4.97 -21.01
N PHE A 469 46.78 5.13 -20.04
CA PHE A 469 45.85 6.23 -20.01
C PHE A 469 46.08 7.10 -18.78
N ALA A 470 46.07 8.42 -19.02
CA ALA A 470 46.28 9.37 -17.93
C ALA A 470 45.27 9.18 -16.83
N MET A 471 45.67 9.55 -15.62
CA MET A 471 44.73 9.60 -14.52
C MET A 471 44.55 11.05 -14.12
N PRO A 472 43.35 11.59 -14.24
CA PRO A 472 43.16 13.03 -14.01
C PRO A 472 43.67 13.45 -12.63
N ALA A 473 44.34 14.60 -12.62
CA ALA A 473 44.91 15.28 -11.46
C ALA A 473 46.23 14.68 -11.00
N PHE A 474 46.72 13.62 -11.64
CA PHE A 474 48.00 13.00 -11.28
C PHE A 474 48.77 12.66 -12.56
N ASP A 475 49.85 11.88 -12.41
CA ASP A 475 50.69 11.49 -13.54
C ASP A 475 51.15 10.02 -13.43
N SER B 1 -40.98 -3.96 59.01
CA SER B 1 -41.04 -2.55 59.40
C SER B 1 -41.98 -1.76 58.48
N ASN B 2 -42.82 -0.87 59.06
CA ASN B 2 -43.64 0.01 58.23
C ASN B 2 -42.77 0.87 57.31
N ALA B 3 -41.70 1.46 57.85
CA ALA B 3 -40.74 2.16 57.01
C ALA B 3 -40.28 1.29 55.86
N ILE B 4 -39.78 0.08 56.16
CA ILE B 4 -39.27 -0.80 55.10
C ILE B 4 -40.38 -1.22 54.14
N GLU B 5 -41.61 -1.32 54.62
CA GLU B 5 -42.72 -1.76 53.77
C GLU B 5 -43.10 -0.68 52.77
N SER B 6 -43.24 0.56 53.24
CA SER B 6 -43.59 1.66 52.35
C SER B 6 -42.48 1.93 51.33
N ARG B 7 -41.24 1.66 51.72
CA ARG B 7 -40.12 1.80 50.79
C ARG B 7 -40.25 0.86 49.60
N ARG B 8 -40.91 -0.29 49.78
CA ARG B 8 -41.15 -1.19 48.65
C ARG B 8 -42.17 -0.61 47.67
N ALA B 9 -43.20 0.07 48.18
CA ALA B 9 -44.22 0.63 47.29
C ALA B 9 -43.64 1.71 46.41
N VAL B 10 -42.78 2.56 46.97
CA VAL B 10 -42.09 3.59 46.18
C VAL B 10 -41.26 2.96 45.07
N VAL B 11 -40.45 1.95 45.42
CA VAL B 11 -39.62 1.28 44.41
C VAL B 11 -40.49 0.67 43.32
N ARG B 12 -41.53 -0.06 43.71
CA ARG B 12 -42.42 -0.70 42.73
C ARG B 12 -43.15 0.35 41.88
N ALA B 13 -43.61 1.44 42.50
CA ALA B 13 -44.28 2.50 41.75
C ALA B 13 -43.44 3.04 40.61
N TRP B 14 -42.12 3.11 40.80
CA TRP B 14 -41.22 3.51 39.72
C TRP B 14 -40.76 2.32 38.90
N GLY B 15 -40.38 1.23 39.54
CA GLY B 15 -39.74 0.15 38.81
C GLY B 15 -40.67 -0.60 37.89
N ASN B 16 -41.96 -0.65 38.20
CA ASN B 16 -42.86 -1.58 37.53
C ASN B 16 -43.81 -0.88 36.55
N GLN B 17 -43.51 0.35 36.14
CA GLN B 17 -44.35 1.04 35.18
C GLN B 17 -44.08 0.55 33.77
N SER B 18 -45.13 0.46 32.95
CA SER B 18 -44.97 0.12 31.55
C SER B 18 -44.48 1.32 30.76
N ILE B 19 -44.04 1.08 29.52
CA ILE B 19 -43.66 2.20 28.66
C ILE B 19 -44.83 3.16 28.50
N GLU B 20 -46.02 2.62 28.20
CA GLU B 20 -47.18 3.49 28.00
C GLU B 20 -47.42 4.36 29.22
N GLU B 21 -47.20 3.82 30.43
CA GLU B 21 -47.37 4.61 31.64
C GLU B 21 -46.27 5.65 31.77
N ALA B 22 -45.01 5.24 31.61
CA ALA B 22 -43.88 6.08 31.99
C ALA B 22 -43.46 7.06 30.89
N ASP B 23 -43.60 6.69 29.63
CA ASP B 23 -43.22 7.54 28.51
C ASP B 23 -44.24 7.39 27.40
N PRO B 24 -45.35 8.11 27.48
CA PRO B 24 -46.36 8.06 26.39
C PRO B 24 -45.81 8.44 25.04
N GLU B 25 -44.93 9.45 24.98
CA GLU B 25 -44.41 9.88 23.69
C GLU B 25 -43.55 8.80 23.04
N ILE B 26 -42.71 8.13 23.82
CA ILE B 26 -41.92 7.08 23.21
C ILE B 26 -42.81 5.89 22.86
N HIS B 27 -43.84 5.63 23.68
CA HIS B 27 -44.75 4.55 23.34
C HIS B 27 -45.43 4.80 22.01
N GLU B 28 -45.90 6.04 21.78
CA GLU B 28 -46.54 6.36 20.52
C GLU B 28 -45.61 6.07 19.34
N PHE B 29 -44.35 6.52 19.42
CA PHE B 29 -43.43 6.29 18.31
C PHE B 29 -43.14 4.81 18.13
N MET B 30 -43.10 4.05 19.22
CA MET B 30 -42.82 2.62 19.08
C MET B 30 -44.00 1.86 18.50
N GLU B 31 -45.24 2.29 18.79
CA GLU B 31 -46.39 1.66 18.14
C GLU B 31 -46.44 2.01 16.64
N LYS B 32 -46.15 3.26 16.29
CA LYS B 32 -46.12 3.64 14.88
C LYS B 32 -45.11 2.78 14.11
N GLU B 33 -43.97 2.48 14.72
CA GLU B 33 -42.97 1.68 14.03
C GLU B 33 -43.41 0.22 13.92
N LYS B 34 -44.09 -0.30 14.95
CA LYS B 34 -44.61 -1.66 14.88
C LYS B 34 -45.61 -1.80 13.74
N GLN B 35 -46.50 -0.82 13.58
CA GLN B 35 -47.41 -0.82 12.44
C GLN B 35 -46.64 -0.77 11.13
N ARG B 36 -45.63 0.10 11.05
CA ARG B 36 -44.90 0.29 9.80
C ARG B 36 -44.24 -1.02 9.37
N GLN B 37 -43.68 -1.78 10.31
CA GLN B 37 -43.06 -3.06 9.95
C GLN B 37 -44.11 -4.06 9.50
N PHE B 38 -45.30 -3.98 10.07
CA PHE B 38 -46.32 -4.96 9.79
C PHE B 38 -46.98 -4.70 8.44
N ARG B 39 -47.24 -3.43 8.13
CA ARG B 39 -47.88 -3.03 6.88
C ARG B 39 -46.91 -2.80 5.72
N GLY B 40 -45.63 -3.11 5.88
CA GLY B 40 -44.66 -2.87 4.83
C GLY B 40 -44.06 -4.18 4.34
N ILE B 41 -43.46 -4.09 3.17
CA ILE B 41 -42.64 -5.16 2.63
C ILE B 41 -41.19 -4.81 2.94
N GLU B 42 -40.52 -5.64 3.73
CA GLU B 42 -39.14 -5.40 4.17
C GLU B 42 -38.23 -6.20 3.25
N LEU B 43 -37.56 -5.52 2.31
CA LEU B 43 -36.72 -6.23 1.35
C LEU B 43 -35.24 -5.85 1.48
N ILE B 44 -34.89 -5.10 2.53
CA ILE B 44 -33.50 -4.82 2.84
C ILE B 44 -32.82 -6.11 3.28
N ALA B 45 -31.75 -6.49 2.58
CA ALA B 45 -31.09 -7.78 2.80
C ALA B 45 -30.56 -7.94 4.22
N SER B 46 -30.32 -6.85 4.94
CA SER B 46 -29.72 -6.87 6.27
C SER B 46 -30.72 -7.09 7.39
N GLU B 47 -32.02 -6.99 7.12
CA GLU B 47 -33.03 -6.98 8.18
C GLU B 47 -33.58 -8.36 8.42
N ASN B 48 -34.14 -8.54 9.61
CA ASN B 48 -34.80 -9.79 9.96
C ASN B 48 -35.71 -9.52 11.14
N PHE B 49 -36.40 -10.57 11.59
CA PHE B 49 -37.35 -10.45 12.69
C PHE B 49 -36.96 -11.39 13.83
N VAL B 50 -36.49 -10.82 14.94
CA VAL B 50 -36.23 -11.62 16.12
C VAL B 50 -37.53 -12.14 16.74
N CYS B 51 -37.42 -13.31 17.37
CA CYS B 51 -38.52 -13.97 18.05
C CYS B 51 -38.67 -13.44 19.47
N ARG B 52 -39.70 -13.95 20.16
CA ARG B 52 -40.03 -13.46 21.49
C ARG B 52 -38.97 -13.84 22.51
N ALA B 53 -38.41 -15.05 22.37
CA ALA B 53 -37.38 -15.47 23.31
C ALA B 53 -36.17 -14.54 23.25
N VAL B 54 -35.75 -14.22 22.04
CA VAL B 54 -34.67 -13.25 21.86
C VAL B 54 -35.04 -11.92 22.50
N MET B 55 -36.26 -11.44 22.27
CA MET B 55 -36.65 -10.15 22.85
C MET B 55 -36.70 -10.20 24.37
N GLU B 56 -37.21 -11.29 24.95
CA GLU B 56 -37.23 -11.39 26.41
C GLU B 56 -35.82 -11.38 26.98
N ALA B 57 -34.87 -12.02 26.30
CA ALA B 57 -33.48 -11.94 26.74
C ALA B 57 -32.95 -10.52 26.59
N LEU B 58 -33.18 -9.90 25.42
CA LEU B 58 -32.74 -8.52 25.22
C LEU B 58 -33.33 -7.57 26.25
N GLY B 59 -34.53 -7.87 26.76
CA GLY B 59 -35.17 -7.00 27.73
C GLY B 59 -35.22 -7.58 29.12
N SER B 60 -34.12 -8.19 29.58
CA SER B 60 -34.09 -8.89 30.84
C SER B 60 -33.15 -8.21 31.84
N HIS B 61 -33.02 -8.81 33.01
CA HIS B 61 -32.28 -8.25 34.14
C HIS B 61 -30.77 -8.51 34.10
N LEU B 62 -30.27 -9.29 33.15
CA LEU B 62 -28.82 -9.54 33.11
C LEU B 62 -28.04 -8.26 32.94
N THR B 63 -28.62 -7.24 32.33
CA THR B 63 -27.86 -6.00 32.14
C THR B 63 -27.50 -5.37 33.46
N ASN B 64 -28.16 -5.73 34.56
CA ASN B 64 -27.90 -5.07 35.83
C ASN B 64 -26.55 -5.42 36.40
N LYS B 65 -25.94 -6.53 35.99
CA LYS B 65 -24.66 -6.97 36.51
C LYS B 65 -23.55 -6.54 35.58
N TYR B 66 -22.56 -5.79 36.09
CA TYR B 66 -21.41 -5.45 35.27
C TYR B 66 -20.42 -6.61 35.24
N SER B 67 -19.84 -6.87 34.06
CA SER B 67 -19.10 -8.12 33.87
C SER B 67 -17.87 -7.94 32.99
N GLU B 68 -17.10 -6.88 33.23
CA GLU B 68 -15.82 -6.73 32.55
C GLU B 68 -14.98 -8.01 32.65
N GLY B 69 -14.41 -8.45 31.54
CA GLY B 69 -13.48 -9.57 31.50
C GLY B 69 -14.02 -10.73 30.69
N MET B 70 -13.25 -11.81 30.67
CA MET B 70 -13.76 -13.01 30.02
C MET B 70 -14.18 -14.03 31.08
N PRO B 71 -15.10 -14.94 30.76
CA PRO B 71 -15.59 -15.90 31.76
C PRO B 71 -14.46 -16.62 32.47
N GLY B 72 -14.72 -17.00 33.72
CA GLY B 72 -13.73 -17.66 34.56
C GLY B 72 -12.59 -16.77 35.02
N ALA B 73 -12.53 -15.52 34.57
CA ALA B 73 -11.48 -14.59 34.95
C ALA B 73 -12.02 -13.16 34.85
N ARG B 74 -12.97 -12.82 35.69
CA ARG B 74 -13.68 -11.55 35.58
C ARG B 74 -13.21 -10.55 36.62
N TYR B 75 -13.18 -9.26 36.21
CA TYR B 75 -12.81 -8.15 37.10
C TYR B 75 -13.63 -8.15 38.40
N TYR B 76 -14.93 -8.37 38.28
CA TYR B 76 -15.86 -8.29 39.40
C TYR B 76 -16.26 -9.68 39.89
N THR B 77 -16.78 -9.73 41.10
CA THR B 77 -17.38 -10.93 41.64
C THR B 77 -18.89 -10.90 41.45
N GLY B 78 -19.54 -12.01 41.73
CA GLY B 78 -20.96 -12.13 41.49
C GLY B 78 -21.32 -12.64 40.10
N ASN B 79 -20.35 -13.14 39.34
CA ASN B 79 -20.57 -13.53 37.96
C ASN B 79 -20.76 -15.02 37.78
N GLN B 80 -21.12 -15.75 38.84
CA GLN B 80 -21.23 -17.18 38.68
C GLN B 80 -22.18 -17.53 37.55
N TYR B 81 -23.32 -16.86 37.48
CA TYR B 81 -24.34 -17.28 36.54
C TYR B 81 -24.20 -16.61 35.18
N ILE B 82 -23.75 -15.36 35.16
CA ILE B 82 -23.38 -14.71 33.91
C ILE B 82 -22.28 -15.49 33.19
N ASP B 83 -21.27 -15.99 33.92
CA ASP B 83 -20.23 -16.80 33.31
C ASP B 83 -20.83 -18.02 32.61
N GLN B 84 -21.71 -18.74 33.29
CA GLN B 84 -22.29 -19.94 32.69
C GLN B 84 -23.06 -19.60 31.43
N ILE B 85 -23.67 -18.41 31.38
CA ILE B 85 -24.39 -18.04 30.17
C ILE B 85 -23.41 -17.76 29.05
N GLU B 86 -22.34 -17.04 29.33
CA GLU B 86 -21.38 -16.76 28.27
C GLU B 86 -20.65 -18.02 27.81
N ILE B 87 -20.31 -18.92 28.76
CA ILE B 87 -19.76 -20.21 28.39
C ILE B 87 -20.72 -20.95 27.48
N LEU B 88 -21.98 -21.06 27.91
CA LEU B 88 -22.98 -21.75 27.09
C LEU B 88 -23.06 -21.12 25.72
N CYS B 89 -22.98 -19.80 25.67
CA CYS B 89 -23.08 -19.11 24.39
C CYS B 89 -21.85 -19.37 23.52
N GLN B 90 -20.66 -19.39 24.12
CA GLN B 90 -19.46 -19.80 23.41
C GLN B 90 -19.61 -21.22 22.87
N GLU B 91 -20.01 -22.17 23.72
CA GLU B 91 -20.17 -23.54 23.29
C GLU B 91 -21.17 -23.64 22.15
N ARG B 92 -22.27 -22.89 22.22
CA ARG B 92 -23.28 -23.00 21.17
C ARG B 92 -22.76 -22.43 19.86
N ALA B 93 -22.00 -21.33 19.93
CA ALA B 93 -21.35 -20.79 18.73
C ALA B 93 -20.45 -21.84 18.07
N LEU B 94 -19.55 -22.46 18.83
CA LEU B 94 -18.72 -23.50 18.23
C LEU B 94 -19.60 -24.58 17.62
N ALA B 95 -20.67 -24.97 18.32
CA ALA B 95 -21.51 -26.06 17.84
C ALA B 95 -22.26 -25.66 16.57
N ALA B 96 -22.74 -24.42 16.50
CA ALA B 96 -23.57 -24.03 15.36
C ALA B 96 -22.81 -24.15 14.05
N PHE B 97 -21.49 -24.01 14.08
CA PHE B 97 -20.66 -24.06 12.89
C PHE B 97 -19.80 -25.32 12.84
N GLY B 98 -20.15 -26.32 13.64
CA GLY B 98 -19.46 -27.60 13.59
C GLY B 98 -18.04 -27.57 14.09
N LEU B 99 -17.68 -26.62 14.93
CA LEU B 99 -16.28 -26.44 15.30
C LEU B 99 -15.92 -27.19 16.58
N ASN B 100 -14.65 -27.59 16.65
CA ASN B 100 -14.12 -28.28 17.80
C ASN B 100 -13.38 -27.31 18.70
N HIS B 101 -13.65 -27.38 20.01
CA HIS B 101 -13.16 -26.35 20.94
C HIS B 101 -11.64 -26.37 21.09
N GLU B 102 -10.94 -27.44 20.71
CA GLU B 102 -9.49 -27.41 20.84
C GLU B 102 -8.78 -27.17 19.51
N LYS B 103 -9.54 -26.90 18.44
CA LYS B 103 -9.01 -26.25 17.25
C LYS B 103 -9.50 -24.82 17.08
N TRP B 104 -10.67 -24.47 17.61
CA TRP B 104 -11.21 -23.11 17.49
C TRP B 104 -11.62 -22.55 18.83
N GLY B 105 -11.35 -21.27 19.04
CA GLY B 105 -11.89 -20.52 20.16
C GLY B 105 -12.81 -19.43 19.64
N VAL B 106 -13.58 -18.86 20.55
CA VAL B 106 -14.59 -17.90 20.16
C VAL B 106 -14.76 -16.87 21.25
N ASN B 107 -15.00 -15.62 20.84
CA ASN B 107 -15.24 -14.48 21.74
C ASN B 107 -16.56 -13.87 21.30
N VAL B 108 -17.54 -13.83 22.19
CA VAL B 108 -18.89 -13.40 21.81
C VAL B 108 -19.19 -11.98 22.32
N GLN B 109 -18.18 -11.26 22.75
CA GLN B 109 -18.38 -9.94 23.34
C GLN B 109 -18.45 -8.77 22.37
N PRO B 110 -17.95 -8.87 21.12
CA PRO B 110 -17.90 -7.67 20.28
C PRO B 110 -19.27 -7.03 20.15
N TYR B 111 -19.29 -5.70 20.25
CA TYR B 111 -20.53 -4.96 20.20
C TYR B 111 -21.18 -5.01 18.82
N SER B 112 -20.42 -5.32 17.76
CA SER B 112 -20.96 -5.31 16.42
C SER B 112 -19.92 -5.96 15.54
N CYS B 113 -20.31 -6.33 14.32
CA CYS B 113 -19.34 -6.97 13.44
C CYS B 113 -18.19 -6.02 13.13
N THR B 114 -18.49 -4.72 13.00
CA THR B 114 -17.47 -3.72 12.75
C THR B 114 -16.45 -3.68 13.89
N SER B 115 -16.95 -3.59 15.12
CA SER B 115 -16.09 -3.70 16.29
C SER B 115 -15.27 -4.97 16.26
N ALA B 116 -15.91 -6.08 15.90
CA ALA B 116 -15.19 -7.35 15.90
C ALA B 116 -14.04 -7.32 14.90
N ASN B 117 -14.28 -6.82 13.68
CA ASN B 117 -13.19 -6.70 12.71
C ASN B 117 -12.09 -5.81 13.24
N PHE B 118 -12.45 -4.67 13.80
CA PHE B 118 -11.42 -3.76 14.27
C PHE B 118 -10.66 -4.38 15.44
N ALA B 119 -11.35 -5.17 16.28
CA ALA B 119 -10.68 -5.85 17.37
C ALA B 119 -9.63 -6.82 16.85
N VAL B 120 -9.95 -7.55 15.77
CA VAL B 120 -8.97 -8.46 15.18
C VAL B 120 -7.75 -7.70 14.69
N PHE B 121 -7.96 -6.60 13.96
CA PHE B 121 -6.82 -5.84 13.48
C PHE B 121 -5.97 -5.37 14.64
N THR B 122 -6.60 -4.82 15.69
CA THR B 122 -5.83 -4.28 16.80
C THR B 122 -5.01 -5.38 17.47
N GLY B 123 -5.54 -6.59 17.55
CA GLY B 123 -4.86 -7.66 18.22
C GLY B 123 -3.75 -8.23 17.37
N LEU B 124 -4.00 -8.44 16.08
CA LEU B 124 -3.01 -9.15 15.27
C LEU B 124 -1.93 -8.27 14.70
N LEU B 125 -2.18 -6.96 14.56
CA LEU B 125 -1.29 -6.09 13.79
C LEU B 125 -0.80 -4.92 14.60
N MET B 126 0.39 -4.46 14.26
CA MET B 126 0.85 -3.17 14.72
C MET B 126 0.14 -2.05 13.96
N PRO B 127 -0.12 -0.91 14.60
CA PRO B 127 -0.61 0.26 13.86
C PRO B 127 0.24 0.54 12.62
N GLY B 128 -0.44 0.69 11.48
CA GLY B 128 0.23 1.07 10.25
C GLY B 128 0.62 -0.09 9.36
N GLU B 129 0.25 -1.31 9.74
CA GLU B 129 0.52 -2.49 8.92
C GLU B 129 -0.62 -2.71 7.92
N ARG B 130 -0.39 -3.60 6.97
CA ARG B 130 -1.16 -3.66 5.74
C ARG B 130 -2.26 -4.70 5.85
N ILE B 131 -3.50 -4.28 5.63
CA ILE B 131 -4.64 -5.19 5.41
C ILE B 131 -5.13 -5.04 3.98
N MET B 132 -5.84 -6.07 3.50
CA MET B 132 -6.35 -6.03 2.14
C MET B 132 -7.68 -6.77 2.12
N GLY B 133 -8.76 -6.06 1.84
CA GLY B 133 -10.11 -6.62 1.80
C GLY B 133 -10.93 -6.16 0.60
N LEU B 134 -12.21 -6.58 0.51
CA LEU B 134 -13.08 -6.16 -0.58
C LEU B 134 -13.77 -4.84 -0.23
N ASP B 135 -13.79 -3.92 -1.18
CA ASP B 135 -14.53 -2.67 -1.01
C ASP B 135 -15.65 -2.62 -2.04
N SER B 136 -16.74 -1.93 -1.67
CA SER B 136 -17.77 -1.62 -2.65
C SER B 136 -17.21 -0.65 -3.68
N PRO B 137 -17.80 -0.61 -4.88
CA PRO B 137 -17.34 0.36 -5.87
C PRO B 137 -17.63 1.83 -5.47
N LYS B 153 -9.73 9.61 4.68
CA LYS B 153 -9.96 8.19 4.93
C LYS B 153 -11.35 7.96 5.54
N VAL B 154 -11.90 6.75 5.36
CA VAL B 154 -13.29 6.45 5.69
C VAL B 154 -13.39 5.43 6.83
N SER B 155 -13.19 4.14 6.54
CA SER B 155 -13.31 3.11 7.58
C SER B 155 -12.23 3.26 8.65
N GLY B 156 -12.58 2.88 9.87
CA GLY B 156 -11.61 2.93 10.96
C GLY B 156 -10.38 2.10 10.66
N ALA B 157 -10.58 0.94 10.02
CA ALA B 157 -9.46 0.10 9.61
C ALA B 157 -8.46 0.88 8.77
N SER B 158 -8.94 1.73 7.86
CA SER B 158 -8.02 2.44 6.98
C SER B 158 -7.44 3.69 7.63
N ILE B 159 -7.98 4.14 8.76
CA ILE B 159 -7.38 5.28 9.47
C ILE B 159 -6.15 4.84 10.23
N PHE B 160 -6.20 3.65 10.82
CA PHE B 160 -5.16 3.19 11.72
C PHE B 160 -4.28 2.12 11.12
N PHE B 161 -4.73 1.47 10.05
CA PHE B 161 -3.90 0.54 9.31
C PHE B 161 -3.90 0.96 7.85
N GLU B 162 -2.96 0.42 7.09
CA GLU B 162 -2.89 0.68 5.66
C GLU B 162 -3.76 -0.34 4.93
N SER B 163 -4.85 0.12 4.34
CA SER B 163 -5.71 -0.79 3.61
C SER B 163 -5.51 -0.58 2.12
N PHE B 164 -5.54 -1.68 1.37
CA PHE B 164 -5.45 -1.67 -0.09
C PHE B 164 -6.59 -2.53 -0.58
N PRO B 165 -7.77 -1.96 -0.81
CA PRO B 165 -8.92 -2.77 -1.20
C PRO B 165 -8.80 -3.27 -2.63
N TYR B 166 -9.32 -4.49 -2.84
CA TYR B 166 -9.55 -5.10 -4.15
C TYR B 166 -11.02 -5.00 -4.52
N LYS B 167 -11.33 -5.27 -5.79
CA LYS B 167 -12.66 -5.03 -6.33
C LYS B 167 -13.06 -6.15 -7.27
N VAL B 168 -14.37 -6.24 -7.50
CA VAL B 168 -14.90 -7.21 -8.45
C VAL B 168 -14.53 -6.81 -9.87
N ASP B 169 -14.57 -7.77 -10.76
CA ASP B 169 -14.37 -7.48 -12.18
C ASP B 169 -15.57 -6.68 -12.68
N PRO B 170 -15.41 -5.41 -13.05
CA PRO B 170 -16.58 -4.62 -13.45
C PRO B 170 -17.40 -5.28 -14.54
N ARG B 171 -16.77 -6.04 -15.41
CA ARG B 171 -17.48 -6.58 -16.55
C ARG B 171 -18.40 -7.73 -16.17
N THR B 172 -18.17 -8.41 -15.05
CA THR B 172 -18.91 -9.64 -14.76
C THR B 172 -19.61 -9.65 -13.40
N GLY B 173 -19.21 -8.81 -12.46
CA GLY B 173 -19.72 -8.87 -11.12
C GLY B 173 -18.96 -9.80 -10.21
N TYR B 174 -18.18 -10.72 -10.76
CA TYR B 174 -17.41 -11.68 -9.99
C TYR B 174 -16.03 -11.14 -9.64
N ILE B 175 -15.45 -11.68 -8.56
CA ILE B 175 -14.08 -11.36 -8.20
C ILE B 175 -13.11 -11.95 -9.20
N ASP B 176 -12.10 -11.16 -9.57
CA ASP B 176 -11.03 -11.61 -10.44
C ASP B 176 -9.92 -12.13 -9.56
N TYR B 177 -9.88 -13.45 -9.38
CA TYR B 177 -8.93 -14.04 -8.46
C TYR B 177 -7.52 -13.99 -9.00
N ASP B 178 -7.34 -13.79 -10.30
CA ASP B 178 -5.98 -13.67 -10.82
C ASP B 178 -5.42 -12.28 -10.60
N LYS B 179 -6.22 -11.23 -10.78
CA LYS B 179 -5.75 -9.89 -10.41
C LYS B 179 -5.54 -9.80 -8.91
N LEU B 180 -6.38 -10.48 -8.12
CA LEU B 180 -6.25 -10.44 -6.68
C LEU B 180 -4.96 -11.12 -6.21
N GLU B 181 -4.61 -12.27 -6.81
CA GLU B 181 -3.36 -12.91 -6.43
C GLU B 181 -2.19 -12.02 -6.77
N GLU B 182 -2.27 -11.32 -7.90
CA GLU B 182 -1.20 -10.40 -8.28
C GLU B 182 -1.08 -9.28 -7.26
N LYS B 183 -2.19 -8.60 -6.95
CA LYS B 183 -2.17 -7.51 -5.97
C LYS B 183 -1.61 -7.98 -4.63
N ALA B 184 -2.07 -9.13 -4.15
CA ALA B 184 -1.63 -9.59 -2.83
C ALA B 184 -0.13 -9.88 -2.82
N LEU B 185 0.42 -10.44 -3.90
CA LEU B 185 1.86 -10.68 -3.94
C LEU B 185 2.64 -9.37 -4.04
N ASP B 186 2.04 -8.35 -4.64
CA ASP B 186 2.74 -7.08 -4.79
C ASP B 186 2.74 -6.32 -3.48
N TYR B 187 1.61 -6.34 -2.79
CA TYR B 187 1.35 -5.53 -1.60
C TYR B 187 1.70 -6.25 -0.30
N ARG B 188 1.64 -7.59 -0.28
CA ARG B 188 2.00 -8.43 0.86
C ARG B 188 1.24 -8.05 2.13
N PRO B 189 -0.09 -8.08 2.12
CA PRO B 189 -0.82 -7.67 3.33
C PRO B 189 -0.57 -8.65 4.46
N LYS B 190 -0.69 -8.16 5.69
CA LYS B 190 -0.57 -9.09 6.81
C LYS B 190 -1.89 -9.80 7.07
N ILE B 191 -3.02 -9.17 6.74
CA ILE B 191 -4.31 -9.85 6.75
C ILE B 191 -4.95 -9.69 5.38
N LEU B 192 -5.39 -10.80 4.81
CA LEU B 192 -6.16 -10.84 3.58
C LEU B 192 -7.60 -11.17 3.96
N ILE B 193 -8.50 -10.23 3.77
CA ILE B 193 -9.90 -10.39 4.18
C ILE B 193 -10.74 -10.75 2.98
N CYS B 194 -11.64 -11.71 3.16
CA CYS B 194 -12.71 -11.89 2.19
C CYS B 194 -14.04 -11.68 2.91
N GLY B 195 -15.11 -11.71 2.15
CA GLY B 195 -16.41 -11.45 2.71
C GLY B 195 -16.73 -9.97 2.72
N GLY B 196 -17.97 -9.68 3.10
CA GLY B 196 -18.38 -8.30 3.30
C GLY B 196 -19.09 -7.71 2.10
N SER B 197 -19.37 -6.41 2.23
CA SER B 197 -20.23 -5.67 1.33
C SER B 197 -21.50 -6.47 1.01
N SER B 198 -21.71 -6.79 -0.26
CA SER B 198 -22.95 -7.44 -0.64
C SER B 198 -22.68 -8.26 -1.91
N TYR B 199 -21.80 -9.23 -1.76
CA TYR B 199 -21.42 -10.05 -2.89
C TYR B 199 -22.48 -11.12 -3.07
N PRO B 200 -23.18 -11.15 -4.21
CA PRO B 200 -24.25 -12.14 -4.40
C PRO B 200 -23.78 -13.54 -4.74
N ARG B 201 -22.50 -13.89 -4.59
CA ARG B 201 -22.06 -15.21 -5.02
C ARG B 201 -21.13 -15.82 -3.97
N ASP B 202 -20.81 -17.09 -4.19
CA ASP B 202 -19.97 -17.81 -3.24
C ASP B 202 -18.52 -17.35 -3.33
N TRP B 203 -17.92 -17.11 -2.16
CA TRP B 203 -16.49 -16.90 -2.10
C TRP B 203 -15.78 -18.22 -2.31
N GLU B 204 -14.74 -18.21 -3.14
CA GLU B 204 -13.93 -19.40 -3.34
C GLU B 204 -12.82 -19.37 -2.29
N PHE B 205 -13.09 -19.95 -1.12
CA PHE B 205 -12.09 -20.00 -0.06
C PHE B 205 -10.81 -20.71 -0.47
N PRO B 206 -10.82 -21.78 -1.27
CA PRO B 206 -9.55 -22.42 -1.66
C PRO B 206 -8.58 -21.48 -2.37
N ARG B 207 -9.07 -20.56 -3.21
CA ARG B 207 -8.15 -19.64 -3.87
C ARG B 207 -7.59 -18.62 -2.89
N PHE B 208 -8.43 -18.14 -1.98
CA PHE B 208 -7.97 -17.20 -0.95
C PHE B 208 -6.91 -17.85 -0.08
N ARG B 209 -7.12 -19.11 0.31
CA ARG B 209 -6.12 -19.83 1.08
C ARG B 209 -4.82 -19.92 0.31
N HIS B 210 -4.91 -20.22 -0.99
CA HIS B 210 -3.69 -20.29 -1.77
C HIS B 210 -3.01 -18.94 -1.88
N ILE B 211 -3.79 -17.89 -2.14
CA ILE B 211 -3.21 -16.55 -2.20
C ILE B 211 -2.61 -16.17 -0.85
N ALA B 212 -3.39 -16.35 0.22
CA ALA B 212 -2.87 -16.05 1.55
C ALA B 212 -1.56 -16.79 1.82
N ASP B 213 -1.47 -18.06 1.42
CA ASP B 213 -0.24 -18.82 1.66
C ASP B 213 0.93 -18.22 0.90
N LYS B 214 0.74 -17.92 -0.40
CA LYS B 214 1.87 -17.46 -1.20
C LYS B 214 2.46 -16.17 -0.61
N CYS B 215 1.61 -15.28 -0.10
CA CYS B 215 2.10 -13.97 0.34
C CYS B 215 2.24 -13.86 1.86
N GLY B 216 2.00 -14.92 2.62
CA GLY B 216 2.27 -14.90 4.04
C GLY B 216 1.26 -14.21 4.91
N ALA B 217 0.02 -14.08 4.44
CA ALA B 217 -0.99 -13.37 5.21
C ALA B 217 -1.84 -14.31 6.04
N VAL B 218 -2.41 -13.75 7.11
CA VAL B 218 -3.54 -14.38 7.81
C VAL B 218 -4.79 -14.24 6.96
N LEU B 219 -5.57 -15.31 6.86
CA LEU B 219 -6.78 -15.30 6.06
C LEU B 219 -7.98 -15.07 6.96
N MET B 220 -8.70 -13.99 6.72
CA MET B 220 -9.87 -13.63 7.51
C MET B 220 -11.11 -13.64 6.63
N PHE B 221 -12.19 -14.20 7.14
CA PHE B 221 -13.48 -14.11 6.48
C PHE B 221 -14.41 -13.32 7.38
N ASP B 222 -14.94 -12.21 6.87
CA ASP B 222 -15.97 -11.44 7.54
C ASP B 222 -17.31 -11.95 7.03
N MET B 223 -18.01 -12.74 7.83
CA MET B 223 -19.28 -13.29 7.36
C MET B 223 -20.42 -12.46 7.91
N ALA B 224 -20.39 -11.18 7.54
CA ALA B 224 -21.50 -10.32 7.87
C ALA B 224 -22.80 -10.89 7.30
N GLN B 225 -22.86 -11.06 5.99
CA GLN B 225 -24.19 -11.24 5.41
C GLN B 225 -24.68 -12.69 5.51
N ILE B 226 -23.81 -13.69 5.40
CA ILE B 226 -24.25 -15.04 5.11
C ILE B 226 -24.07 -16.00 6.29
N SER B 227 -23.99 -15.49 7.53
CA SER B 227 -23.59 -16.39 8.62
C SER B 227 -24.64 -17.47 8.90
N GLY B 228 -25.93 -17.17 8.69
CA GLY B 228 -26.94 -18.20 8.83
C GLY B 228 -26.88 -19.28 7.75
N LEU B 229 -26.62 -18.87 6.51
CA LEU B 229 -26.45 -19.84 5.43
C LEU B 229 -25.31 -20.78 5.73
N VAL B 230 -24.22 -20.27 6.28
CA VAL B 230 -23.10 -21.14 6.61
C VAL B 230 -23.47 -22.08 7.74
N ALA B 231 -24.11 -21.54 8.80
CA ALA B 231 -24.57 -22.39 9.89
C ALA B 231 -25.48 -23.51 9.40
N ALA B 232 -26.40 -23.21 8.47
CA ALA B 232 -27.31 -24.22 7.98
C ALA B 232 -26.68 -25.19 6.99
N LYS B 233 -25.38 -25.08 6.71
CA LYS B 233 -24.70 -25.86 5.67
C LYS B 233 -25.22 -25.56 4.26
N GLU B 234 -25.86 -24.40 4.06
CA GLU B 234 -26.32 -24.01 2.74
C GLU B 234 -25.36 -23.06 2.03
N SER B 235 -24.13 -22.93 2.53
CA SER B 235 -23.12 -22.10 1.92
C SER B 235 -21.78 -22.69 2.32
N PRO B 236 -20.75 -22.61 1.46
CA PRO B 236 -19.47 -23.26 1.77
C PRO B 236 -18.91 -22.80 3.12
N ASN B 237 -18.26 -23.73 3.79
CA ASN B 237 -17.78 -23.60 5.15
C ASN B 237 -16.48 -22.82 5.17
N PRO B 238 -16.46 -21.60 5.68
CA PRO B 238 -15.21 -20.85 5.73
C PRO B 238 -14.20 -21.43 6.71
N PHE B 239 -14.67 -22.11 7.75
CA PHE B 239 -13.75 -22.58 8.77
C PHE B 239 -12.83 -23.68 8.25
N ASP B 240 -13.17 -24.33 7.14
CA ASP B 240 -12.21 -25.26 6.54
C ASP B 240 -10.93 -24.57 6.09
N TYR B 241 -10.93 -23.24 5.88
CA TYR B 241 -9.76 -22.60 5.29
C TYR B 241 -9.25 -21.36 6.02
N CYS B 242 -10.12 -20.62 6.70
CA CYS B 242 -9.65 -19.35 7.25
C CYS B 242 -8.95 -19.53 8.58
N ASP B 243 -8.19 -18.51 8.95
CA ASP B 243 -7.61 -18.47 10.28
C ASP B 243 -8.48 -17.68 11.26
N ILE B 244 -9.23 -16.71 10.76
CA ILE B 244 -10.09 -15.87 11.59
C ILE B 244 -11.41 -15.71 10.88
N VAL B 245 -12.51 -15.76 11.64
CA VAL B 245 -13.83 -15.54 11.06
C VAL B 245 -14.61 -14.66 12.01
N THR B 246 -15.00 -13.47 11.56
CA THR B 246 -15.90 -12.61 12.30
C THR B 246 -17.29 -12.74 11.71
N SER B 247 -18.30 -12.28 12.46
CA SER B 247 -19.67 -12.39 11.97
C SER B 247 -20.55 -11.41 12.70
N THR B 248 -21.65 -11.04 12.06
CA THR B 248 -22.73 -10.39 12.78
C THR B 248 -23.57 -11.44 13.48
N THR B 249 -24.54 -10.97 14.26
CA THR B 249 -25.46 -11.84 14.93
C THR B 249 -26.93 -11.50 14.65
N HIS B 250 -27.24 -10.39 13.98
CA HIS B 250 -28.64 -9.98 13.76
C HIS B 250 -29.16 -10.14 12.33
N LYS B 251 -28.35 -10.59 11.39
CA LYS B 251 -28.85 -10.56 10.01
C LYS B 251 -29.49 -11.90 9.68
N SER B 252 -28.82 -12.78 8.94
CA SER B 252 -29.49 -14.05 8.69
C SER B 252 -29.57 -14.94 9.95
N LEU B 253 -28.74 -14.69 10.95
CA LEU B 253 -28.79 -15.47 12.19
C LEU B 253 -30.04 -15.17 13.00
N ARG B 254 -30.68 -14.04 12.78
CA ARG B 254 -31.90 -13.66 13.53
C ARG B 254 -31.64 -13.45 15.00
N GLY B 255 -30.41 -13.12 15.38
CA GLY B 255 -30.12 -12.87 16.77
C GLY B 255 -30.19 -11.40 17.10
N PRO B 256 -29.56 -11.01 18.20
CA PRO B 256 -29.58 -9.61 18.58
C PRO B 256 -28.43 -8.88 17.89
N ARG B 257 -28.33 -7.56 18.05
CA ARG B 257 -27.17 -6.87 17.50
C ARG B 257 -25.91 -7.32 18.22
N GLY B 258 -24.81 -7.36 17.50
CA GLY B 258 -23.54 -7.73 18.09
C GLY B 258 -22.70 -8.45 17.06
N GLY B 259 -21.50 -8.85 17.48
CA GLY B 259 -20.60 -9.57 16.61
C GLY B 259 -19.92 -10.71 17.34
N ILE B 260 -19.20 -11.52 16.57
CA ILE B 260 -18.51 -12.72 17.05
C ILE B 260 -17.13 -12.79 16.42
N ILE B 261 -16.15 -13.28 17.16
CA ILE B 261 -14.82 -13.54 16.61
C ILE B 261 -14.48 -15.00 16.87
N PHE B 262 -14.27 -15.75 15.79
CA PHE B 262 -13.75 -17.12 15.82
C PHE B 262 -12.29 -17.11 15.43
N TYR B 263 -11.48 -17.93 16.11
CA TYR B 263 -10.05 -17.91 15.84
C TYR B 263 -9.46 -19.30 16.08
N LYS B 264 -8.44 -19.65 15.30
CA LYS B 264 -7.77 -20.93 15.44
C LYS B 264 -7.02 -21.02 16.76
N ARG B 265 -6.97 -22.24 17.30
CA ARG B 265 -6.34 -22.54 18.57
C ARG B 265 -5.36 -23.68 18.39
N GLY B 266 -4.38 -23.76 19.28
CA GLY B 266 -3.58 -24.96 19.41
C GLY B 266 -2.45 -25.06 18.38
N LEU B 267 -1.95 -26.28 18.22
CA LEU B 267 -0.83 -26.51 17.31
C LEU B 267 -1.22 -26.22 15.86
N LYS B 268 -0.24 -25.75 15.07
CA LYS B 268 -0.21 -25.46 13.63
C LYS B 268 0.19 -26.70 12.84
N PRO B 269 -0.41 -26.92 11.66
CA PRO B 269 -0.13 -28.08 10.78
C PRO B 269 1.36 -28.39 10.57
N ILE B 283 4.97 -24.66 16.86
CA ILE B 283 4.59 -23.49 17.66
C ILE B 283 3.06 -23.36 17.64
N GLN B 284 2.49 -22.89 18.76
CA GLN B 284 1.05 -22.76 18.91
C GLN B 284 0.52 -21.57 18.09
N TYR B 285 -0.81 -21.45 18.06
CA TYR B 285 -1.47 -20.32 17.40
C TYR B 285 -1.51 -19.12 18.33
N ASP B 286 -1.34 -17.93 17.73
CA ASP B 286 -1.09 -16.70 18.46
C ASP B 286 -2.36 -15.98 18.94
N PHE B 287 -3.51 -16.25 18.31
CA PHE B 287 -4.59 -15.27 18.25
C PHE B 287 -5.29 -15.08 19.59
N GLU B 288 -5.49 -16.16 20.34
CA GLU B 288 -6.40 -16.16 21.48
C GLU B 288 -6.09 -15.02 22.46
N GLU B 289 -4.87 -14.97 22.98
CA GLU B 289 -4.59 -13.94 23.98
C GLU B 289 -4.63 -12.54 23.36
N LYS B 290 -4.09 -12.42 22.14
CA LYS B 290 -4.05 -11.12 21.47
C LYS B 290 -5.45 -10.61 21.19
N ILE B 291 -6.33 -11.49 20.71
CA ILE B 291 -7.66 -11.06 20.28
C ILE B 291 -8.53 -10.75 21.49
N ASN B 292 -8.52 -11.61 22.51
CA ASN B 292 -9.31 -11.35 23.71
C ASN B 292 -8.87 -10.04 24.37
N PHE B 293 -7.57 -9.80 24.47
CA PHE B 293 -7.10 -8.59 25.15
C PHE B 293 -7.44 -7.34 24.35
N SER B 294 -7.55 -7.48 23.04
CA SER B 294 -7.97 -6.35 22.21
C SER B 294 -9.43 -6.02 22.45
N VAL B 295 -10.30 -7.04 22.54
CA VAL B 295 -11.72 -6.80 22.82
C VAL B 295 -11.87 -6.09 24.16
N PHE B 296 -11.29 -6.67 25.20
CA PHE B 296 -11.35 -6.05 26.50
C PHE B 296 -9.98 -6.30 27.11
N PRO B 297 -9.34 -5.28 27.69
CA PRO B 297 -9.88 -3.94 27.93
C PRO B 297 -9.53 -2.84 26.91
N SER B 298 -8.90 -3.19 25.80
CA SER B 298 -8.43 -2.15 24.87
C SER B 298 -9.58 -1.38 24.26
N LEU B 299 -10.54 -2.07 23.63
CA LEU B 299 -11.49 -1.38 22.78
C LEU B 299 -12.88 -1.27 23.36
N GLN B 300 -13.26 -2.13 24.32
CA GLN B 300 -14.61 -2.16 24.81
C GLN B 300 -14.63 -2.12 26.33
N GLY B 301 -15.81 -1.85 26.88
CA GLY B 301 -16.07 -2.00 28.30
C GLY B 301 -16.58 -3.41 28.58
N GLY B 302 -17.45 -3.51 29.56
CA GLY B 302 -18.09 -4.78 29.84
C GLY B 302 -18.94 -5.22 28.67
N PRO B 303 -19.24 -6.51 28.61
CA PRO B 303 -20.09 -7.02 27.52
C PRO B 303 -21.54 -6.65 27.78
N HIS B 304 -22.34 -6.77 26.74
CA HIS B 304 -23.78 -6.58 26.87
C HIS B 304 -24.37 -7.93 27.25
N ASN B 305 -24.63 -8.12 28.54
CA ASN B 305 -25.07 -9.42 29.01
C ASN B 305 -26.40 -9.81 28.37
N ASN B 306 -27.32 -8.85 28.21
CA ASN B 306 -28.60 -9.17 27.59
C ASN B 306 -28.41 -9.68 26.17
N HIS B 307 -27.44 -9.11 25.45
CA HIS B 307 -27.20 -9.57 24.08
C HIS B 307 -26.53 -10.93 24.03
N ILE B 308 -25.68 -11.23 25.01
CA ILE B 308 -25.00 -12.51 24.97
C ILE B 308 -25.97 -13.65 25.26
N ALA B 309 -26.91 -13.44 26.20
CA ALA B 309 -27.94 -14.46 26.42
C ALA B 309 -28.87 -14.58 25.24
N ALA B 310 -29.24 -13.45 24.63
CA ALA B 310 -30.06 -13.51 23.43
C ALA B 310 -29.35 -14.32 22.35
N LEU B 311 -28.08 -14.04 22.11
CA LEU B 311 -27.30 -14.78 21.12
C LEU B 311 -27.27 -16.27 21.45
N ALA B 312 -27.14 -16.61 22.73
CA ALA B 312 -27.18 -18.02 23.10
C ALA B 312 -28.47 -18.65 22.60
N ILE B 313 -29.58 -17.94 22.71
CA ILE B 313 -30.86 -18.50 22.26
C ILE B 313 -30.86 -18.66 20.74
N ALA B 314 -30.44 -17.61 20.04
CA ALA B 314 -30.39 -17.69 18.58
C ALA B 314 -29.45 -18.79 18.10
N LEU B 315 -28.29 -18.94 18.77
CA LEU B 315 -27.33 -19.93 18.31
C LEU B 315 -27.85 -21.34 18.52
N LYS B 316 -28.59 -21.58 19.62
CA LYS B 316 -29.24 -22.87 19.79
C LYS B 316 -30.25 -23.09 18.68
N GLN B 317 -30.98 -22.06 18.28
CA GLN B 317 -31.95 -22.24 17.21
C GLN B 317 -31.25 -22.52 15.90
N ALA B 318 -30.11 -21.87 15.67
CA ALA B 318 -29.43 -21.97 14.38
C ALA B 318 -28.90 -23.37 14.11
N ALA B 319 -28.75 -24.20 15.12
CA ALA B 319 -28.21 -25.53 14.91
C ALA B 319 -29.29 -26.58 14.72
N SER B 320 -30.55 -26.18 14.75
CA SER B 320 -31.71 -27.06 14.80
C SER B 320 -32.22 -27.35 13.40
N PRO B 321 -32.97 -28.45 13.23
CA PRO B 321 -33.49 -28.77 11.88
C PRO B 321 -34.40 -27.69 11.35
N GLU B 322 -35.21 -27.06 12.20
CA GLU B 322 -36.15 -26.04 11.73
C GLU B 322 -35.40 -24.90 11.06
N TYR B 323 -34.28 -24.46 11.66
CA TYR B 323 -33.54 -23.35 11.08
C TYR B 323 -32.98 -23.71 9.71
N LYS B 324 -32.48 -24.94 9.55
CA LYS B 324 -32.02 -25.39 8.24
C LYS B 324 -33.12 -25.26 7.19
N LEU B 325 -34.37 -25.54 7.57
CA LEU B 325 -35.47 -25.36 6.63
C LEU B 325 -35.72 -23.88 6.35
N TYR B 326 -35.62 -23.03 7.37
CA TYR B 326 -35.75 -21.61 7.12
C TYR B 326 -34.72 -21.12 6.11
N MET B 327 -33.44 -21.45 6.32
CA MET B 327 -32.39 -20.95 5.41
C MET B 327 -32.58 -21.50 4.00
N ARG B 328 -32.96 -22.78 3.88
CA ARG B 328 -33.28 -23.28 2.55
C ARG B 328 -34.37 -22.42 1.89
N GLN B 329 -35.40 -22.02 2.66
CA GLN B 329 -36.45 -21.19 2.06
C GLN B 329 -35.90 -19.82 1.69
N VAL B 330 -35.02 -19.28 2.54
CA VAL B 330 -34.34 -18.01 2.26
C VAL B 330 -33.63 -18.08 0.92
N LYS B 331 -32.89 -19.17 0.67
CA LYS B 331 -32.22 -19.32 -0.62
C LYS B 331 -33.22 -19.42 -1.75
N LYS B 332 -34.28 -20.20 -1.56
CA LYS B 332 -35.27 -20.40 -2.63
C LYS B 332 -36.10 -19.15 -2.86
N ASN B 333 -36.35 -18.36 -1.82
CA ASN B 333 -37.10 -17.13 -2.02
C ASN B 333 -36.27 -16.10 -2.79
N ALA B 334 -34.99 -15.94 -2.43
CA ALA B 334 -34.11 -15.08 -3.22
C ALA B 334 -33.99 -15.55 -4.67
N LYS B 335 -33.97 -16.87 -4.88
CA LYS B 335 -33.85 -17.34 -6.25
C LYS B 335 -35.12 -17.05 -7.05
N ALA B 336 -36.28 -17.15 -6.39
CA ALA B 336 -37.55 -16.92 -7.08
C ALA B 336 -37.76 -15.44 -7.38
N LEU B 337 -37.38 -14.57 -6.44
CA LEU B 337 -37.41 -13.14 -6.72
C LEU B 337 -36.48 -12.79 -7.87
N ALA B 338 -35.29 -13.38 -7.90
CA ALA B 338 -34.35 -13.09 -8.98
C ALA B 338 -34.93 -13.47 -10.33
N SER B 339 -35.43 -14.71 -10.45
CA SER B 339 -35.98 -15.20 -11.72
C SER B 339 -37.14 -14.35 -12.20
N ALA B 340 -37.91 -13.78 -11.28
CA ALA B 340 -39.05 -12.97 -11.71
C ALA B 340 -38.58 -11.64 -12.30
N LEU B 341 -37.58 -11.02 -11.66
CA LEU B 341 -36.95 -9.84 -12.26
C LEU B 341 -36.27 -10.18 -13.59
N ILE B 342 -35.64 -11.36 -13.68
CA ILE B 342 -34.93 -11.73 -14.90
C ILE B 342 -35.89 -11.86 -16.07
N SER B 343 -37.09 -12.40 -15.83
CA SER B 343 -38.06 -12.54 -16.91
C SER B 343 -38.65 -11.21 -17.33
N ARG B 344 -38.62 -10.20 -16.46
CA ARG B 344 -39.00 -8.84 -16.84
C ARG B 344 -37.83 -8.09 -17.48
N LYS B 345 -36.80 -8.82 -17.89
CA LYS B 345 -35.62 -8.26 -18.55
C LYS B 345 -34.84 -7.31 -17.66
N CYS B 346 -34.94 -7.47 -16.35
CA CYS B 346 -34.02 -6.76 -15.47
C CYS B 346 -32.62 -7.30 -15.61
N LYS B 347 -31.64 -6.44 -15.34
CA LYS B 347 -30.23 -6.83 -15.38
C LYS B 347 -29.75 -6.91 -13.95
N LEU B 348 -29.43 -8.12 -13.50
CA LEU B 348 -28.90 -8.33 -12.15
C LEU B 348 -27.40 -8.58 -12.23
N ILE B 349 -26.66 -8.01 -11.27
CA ILE B 349 -25.21 -8.18 -11.28
C ILE B 349 -24.87 -9.65 -11.09
N THR B 350 -23.96 -10.16 -11.94
CA THR B 350 -23.61 -11.57 -12.09
C THR B 350 -24.78 -12.42 -12.58
N GLY B 351 -25.95 -11.81 -12.75
CA GLY B 351 -27.10 -12.49 -13.31
C GLY B 351 -27.92 -13.35 -12.36
N GLY B 352 -27.86 -13.09 -11.05
CA GLY B 352 -28.55 -13.96 -10.11
C GLY B 352 -27.84 -13.96 -8.77
N THR B 353 -27.98 -15.07 -8.05
CA THR B 353 -27.45 -15.11 -6.69
C THR B 353 -27.21 -16.54 -6.23
N ASP B 354 -26.19 -16.71 -5.39
CA ASP B 354 -25.97 -17.97 -4.67
C ASP B 354 -26.55 -17.95 -3.26
N ASN B 355 -26.99 -16.78 -2.79
CA ASN B 355 -27.34 -16.62 -1.39
C ASN B 355 -28.69 -15.94 -1.23
N HIS B 356 -28.78 -14.96 -0.35
CA HIS B 356 -30.06 -14.38 0.03
C HIS B 356 -30.31 -13.01 -0.58
N LEU B 357 -29.33 -12.44 -1.27
CA LEU B 357 -29.42 -11.07 -1.74
C LEU B 357 -29.16 -11.05 -3.23
N LEU B 358 -29.62 -9.98 -3.87
CA LEU B 358 -29.28 -9.76 -5.26
C LEU B 358 -29.10 -8.27 -5.50
N LEU B 359 -28.30 -7.94 -6.50
CA LEU B 359 -28.07 -6.57 -6.91
C LEU B 359 -28.66 -6.35 -8.28
N TRP B 360 -29.35 -5.24 -8.44
CA TRP B 360 -30.16 -4.93 -9.61
C TRP B 360 -29.70 -3.60 -10.19
N ASP B 361 -29.33 -3.60 -11.47
CA ASP B 361 -28.89 -2.39 -12.16
C ASP B 361 -30.12 -1.71 -12.76
N LEU B 362 -30.44 -0.51 -12.26
CA LEU B 362 -31.57 0.28 -12.74
C LEU B 362 -31.19 1.26 -13.85
N THR B 363 -29.91 1.39 -14.18
CA THR B 363 -29.48 2.21 -15.30
C THR B 363 -30.23 1.93 -16.59
N PRO B 364 -30.40 0.68 -17.04
CA PRO B 364 -31.18 0.47 -18.27
C PRO B 364 -32.57 1.06 -18.20
N LEU B 365 -33.26 0.89 -17.07
CA LEU B 365 -34.60 1.44 -16.89
C LEU B 365 -34.59 2.96 -16.78
N GLY B 366 -33.42 3.58 -16.71
CA GLY B 366 -33.32 5.02 -16.63
C GLY B 366 -33.48 5.59 -15.23
N LEU B 367 -33.13 4.82 -14.20
CA LEU B 367 -33.33 5.27 -12.83
C LEU B 367 -32.03 5.20 -12.04
N THR B 368 -31.95 6.06 -11.04
CA THR B 368 -30.90 6.00 -10.04
C THR B 368 -31.38 5.16 -8.86
N GLY B 369 -30.44 4.55 -8.16
CA GLY B 369 -30.79 3.85 -6.94
C GLY B 369 -31.50 4.75 -5.95
N LYS B 370 -31.07 6.00 -5.83
CA LYS B 370 -31.65 6.86 -4.80
C LYS B 370 -33.07 7.27 -5.17
N VAL B 371 -33.31 7.52 -6.46
CA VAL B 371 -34.67 7.85 -6.89
C VAL B 371 -35.60 6.67 -6.64
N TYR B 372 -35.23 5.49 -7.16
CA TYR B 372 -36.04 4.30 -6.94
C TYR B 372 -36.23 4.02 -5.46
N GLU B 373 -35.15 4.15 -4.68
CA GLU B 373 -35.22 3.98 -3.23
C GLU B 373 -36.39 4.75 -2.63
N LYS B 374 -36.42 6.07 -2.86
CA LYS B 374 -37.43 6.87 -2.18
C LYS B 374 -38.83 6.59 -2.73
N VAL B 375 -38.95 6.09 -3.96
CA VAL B 375 -40.28 5.77 -4.48
C VAL B 375 -40.83 4.55 -3.76
N CYS B 376 -40.07 3.45 -3.78
CA CYS B 376 -40.41 2.26 -3.00
C CYS B 376 -40.87 2.60 -1.59
N GLU B 377 -40.16 3.51 -0.91
CA GLU B 377 -40.54 3.87 0.45
C GLU B 377 -41.93 4.46 0.51
N MET B 378 -42.32 5.19 -0.53
CA MET B 378 -43.67 5.74 -0.53
C MET B 378 -44.71 4.63 -0.62
N CYS B 379 -44.34 3.48 -1.19
CA CYS B 379 -45.24 2.35 -1.34
C CYS B 379 -45.08 1.31 -0.23
N HIS B 380 -44.47 1.69 0.91
CA HIS B 380 -44.19 0.76 2.00
C HIS B 380 -43.33 -0.42 1.52
N ILE B 381 -42.37 -0.13 0.65
CA ILE B 381 -41.35 -1.10 0.24
C ILE B 381 -40.00 -0.54 0.65
N THR B 382 -39.27 -1.26 1.49
CA THR B 382 -37.94 -0.84 1.89
C THR B 382 -36.92 -1.65 1.12
N VAL B 383 -36.10 -0.94 0.35
CA VAL B 383 -34.92 -1.44 -0.31
C VAL B 383 -33.81 -0.43 -0.02
N ASN B 384 -32.58 -0.74 -0.40
CA ASN B 384 -31.56 0.30 -0.26
C ASN B 384 -30.65 0.31 -1.47
N LYS B 385 -30.20 1.52 -1.83
CA LYS B 385 -29.34 1.72 -2.98
C LYS B 385 -27.93 1.22 -2.69
N VAL B 386 -27.20 0.90 -3.74
CA VAL B 386 -25.80 0.47 -3.62
C VAL B 386 -25.05 0.93 -4.86
N ALA B 387 -23.74 1.11 -4.71
CA ALA B 387 -22.90 1.42 -5.85
C ALA B 387 -22.59 0.14 -6.62
N ILE B 388 -22.64 0.25 -7.94
CA ILE B 388 -22.36 -0.88 -8.83
C ILE B 388 -21.50 -0.35 -9.96
N PHE B 389 -20.96 -1.27 -10.75
CA PHE B 389 -20.22 -0.91 -11.95
C PHE B 389 -21.11 -0.99 -13.17
N SER B 390 -20.74 -0.23 -14.19
CA SER B 390 -21.25 -0.49 -15.53
C SER B 390 -20.30 -1.44 -16.23
N GLU B 391 -20.74 -1.96 -17.39
CA GLU B 391 -19.97 -2.99 -18.09
C GLU B 391 -18.58 -2.51 -18.49
N ASN B 392 -18.39 -1.20 -18.62
CA ASN B 392 -17.10 -0.63 -18.99
C ASN B 392 -16.16 -0.55 -17.78
N GLY B 393 -16.59 0.13 -16.73
CA GLY B 393 -15.79 0.23 -15.53
C GLY B 393 -16.10 1.47 -14.71
N VAL B 394 -17.08 2.27 -15.14
CA VAL B 394 -17.43 3.48 -14.42
C VAL B 394 -18.45 3.15 -13.34
N ILE B 395 -18.45 3.94 -12.28
CA ILE B 395 -19.38 3.72 -11.18
C ILE B 395 -20.77 4.16 -11.59
N SER B 396 -21.74 3.25 -11.45
CA SER B 396 -23.10 3.63 -11.75
C SER B 396 -23.87 3.90 -10.46
N PRO B 397 -24.73 4.91 -10.45
CA PRO B 397 -25.56 5.16 -9.27
C PRO B 397 -26.87 4.39 -9.28
N GLY B 398 -27.08 3.54 -10.28
CA GLY B 398 -28.37 2.91 -10.46
C GLY B 398 -28.48 1.53 -9.85
N GLY B 399 -27.75 1.28 -8.77
CA GLY B 399 -27.79 0.00 -8.08
C GLY B 399 -28.81 0.00 -6.97
N VAL B 400 -29.55 -1.09 -6.86
CA VAL B 400 -30.43 -1.36 -5.72
C VAL B 400 -30.17 -2.79 -5.24
N ARG B 401 -30.26 -2.98 -3.93
CA ARG B 401 -29.98 -4.26 -3.28
C ARG B 401 -31.22 -4.71 -2.52
N ILE B 402 -31.59 -5.98 -2.67
CA ILE B 402 -32.73 -6.56 -1.95
C ILE B 402 -32.41 -7.99 -1.57
N GLY B 403 -33.16 -8.51 -0.61
CA GLY B 403 -32.90 -9.86 -0.12
C GLY B 403 -34.08 -10.39 0.65
N SER B 404 -34.01 -11.69 0.94
CA SER B 404 -35.18 -12.46 1.37
C SER B 404 -35.34 -12.82 2.85
N PRO B 405 -34.35 -12.62 3.75
CA PRO B 405 -34.55 -13.18 5.10
C PRO B 405 -35.72 -12.58 5.85
N ALA B 406 -35.99 -11.29 5.69
CA ALA B 406 -37.02 -10.67 6.53
C ALA B 406 -38.40 -11.23 6.20
N MET B 407 -38.79 -11.19 4.93
CA MET B 407 -40.14 -11.66 4.59
C MET B 407 -40.23 -13.18 4.66
N THR B 408 -39.12 -13.88 4.58
CA THR B 408 -39.17 -15.33 4.82
C THR B 408 -39.47 -15.62 6.28
N SER B 409 -38.93 -14.81 7.20
CA SER B 409 -39.31 -15.01 8.59
C SER B 409 -40.76 -14.65 8.84
N ARG B 410 -41.35 -13.81 7.99
CA ARG B 410 -42.77 -13.52 8.10
C ARG B 410 -43.64 -14.57 7.44
N GLY B 411 -43.04 -15.57 6.79
CA GLY B 411 -43.81 -16.67 6.27
C GLY B 411 -43.91 -16.75 4.76
N CYS B 412 -43.36 -15.79 4.02
CA CYS B 412 -43.52 -15.82 2.58
C CYS B 412 -42.79 -17.00 1.97
N LEU B 413 -43.40 -17.61 0.95
CA LEU B 413 -42.79 -18.66 0.14
C LEU B 413 -42.50 -18.11 -1.26
N GLU B 414 -42.13 -19.00 -2.18
CA GLU B 414 -41.75 -18.53 -3.51
C GLU B 414 -42.86 -17.73 -4.18
N PRO B 415 -44.12 -18.19 -4.25
CA PRO B 415 -45.16 -17.37 -4.88
C PRO B 415 -45.22 -15.95 -4.36
N GLU B 416 -45.04 -15.75 -3.06
CA GLU B 416 -45.13 -14.40 -2.53
C GLU B 416 -43.91 -13.58 -2.93
N PHE B 417 -42.77 -14.21 -3.19
CA PHE B 417 -41.62 -13.45 -3.64
C PHE B 417 -41.74 -13.08 -5.11
N GLU B 418 -42.50 -13.86 -5.89
CA GLU B 418 -42.81 -13.47 -7.25
C GLU B 418 -43.79 -12.29 -7.30
N THR B 419 -44.80 -12.29 -6.43
CA THR B 419 -45.64 -11.11 -6.27
C THR B 419 -44.78 -9.89 -5.99
N MET B 420 -43.81 -10.04 -5.08
CA MET B 420 -43.00 -8.89 -4.68
C MET B 420 -42.15 -8.38 -5.84
N ALA B 421 -41.61 -9.28 -6.68
CA ALA B 421 -40.94 -8.83 -7.89
C ALA B 421 -41.84 -7.96 -8.76
N ASP B 422 -43.14 -8.29 -8.80
CA ASP B 422 -44.09 -7.49 -9.59
C ASP B 422 -44.27 -6.09 -8.98
N PHE B 423 -44.35 -6.01 -7.65
CA PHE B 423 -44.36 -4.72 -6.98
C PHE B 423 -43.12 -3.92 -7.33
N LEU B 424 -41.96 -4.53 -7.17
CA LEU B 424 -40.71 -3.84 -7.44
C LEU B 424 -40.66 -3.30 -8.85
N TYR B 425 -40.99 -4.14 -9.83
CA TYR B 425 -40.94 -3.69 -11.22
C TYR B 425 -41.95 -2.58 -11.46
N ARG B 426 -43.17 -2.75 -10.95
CA ARG B 426 -44.17 -1.70 -11.17
C ARG B 426 -43.73 -0.39 -10.53
N ALA B 427 -43.10 -0.47 -9.36
CA ALA B 427 -42.54 0.74 -8.76
C ALA B 427 -41.54 1.41 -9.69
N ALA B 428 -40.67 0.61 -10.32
CA ALA B 428 -39.68 1.17 -11.23
C ALA B 428 -40.34 1.78 -12.47
N GLN B 429 -41.43 1.16 -12.95
CA GLN B 429 -42.15 1.72 -14.09
C GLN B 429 -42.67 3.10 -13.76
N ILE B 430 -43.16 3.28 -12.53
CA ILE B 430 -43.65 4.58 -12.10
C ILE B 430 -42.52 5.60 -12.11
N ALA B 431 -41.38 5.23 -11.53
CA ALA B 431 -40.26 6.18 -11.38
C ALA B 431 -39.61 6.55 -12.71
N SER B 432 -39.76 5.71 -13.75
CA SER B 432 -39.27 6.10 -15.07
C SER B 432 -40.06 7.27 -15.65
N ALA B 433 -41.25 7.57 -15.12
CA ALA B 433 -42.03 8.69 -15.59
C ALA B 433 -41.46 10.04 -15.17
N ALA B 434 -40.51 10.08 -14.23
CA ALA B 434 -39.94 11.34 -13.77
C ALA B 434 -39.08 12.01 -14.86
N LYS B 453 -50.16 10.23 -7.05
CA LYS B 453 -50.67 9.75 -8.32
C LYS B 453 -51.10 8.26 -8.27
N GLU B 454 -50.53 7.43 -9.15
CA GLU B 454 -50.75 5.99 -9.14
C GLU B 454 -49.84 5.26 -8.16
N ILE B 455 -49.07 6.02 -7.37
CA ILE B 455 -48.40 5.45 -6.21
C ILE B 455 -49.43 4.93 -5.22
N ALA B 456 -50.48 5.73 -4.99
CA ALA B 456 -51.49 5.35 -4.01
C ALA B 456 -52.01 3.95 -4.26
N ASP B 457 -52.33 3.63 -5.52
CA ASP B 457 -52.78 2.28 -5.84
C ASP B 457 -51.73 1.24 -5.49
N LEU B 458 -50.46 1.51 -5.79
CA LEU B 458 -49.44 0.50 -5.52
C LEU B 458 -49.18 0.37 -4.03
N ARG B 459 -49.18 1.49 -3.30
CA ARG B 459 -49.00 1.41 -1.85
C ARG B 459 -50.13 0.59 -1.23
N ASN B 460 -51.37 0.88 -1.60
CA ASN B 460 -52.50 0.14 -1.05
C ASN B 460 -52.41 -1.35 -1.39
N GLN B 461 -51.89 -1.69 -2.56
CA GLN B 461 -51.73 -3.10 -2.88
C GLN B 461 -50.63 -3.73 -2.03
N VAL B 462 -49.53 -2.99 -1.81
CA VAL B 462 -48.45 -3.51 -0.98
C VAL B 462 -48.94 -3.74 0.45
N GLU B 463 -49.73 -2.82 0.96
CA GLU B 463 -50.23 -2.93 2.32
C GLU B 463 -51.21 -4.11 2.47
N ALA B 464 -52.26 -4.13 1.64
CA ALA B 464 -53.16 -5.29 1.61
C ALA B 464 -52.37 -6.60 1.51
N PHE B 465 -51.29 -6.59 0.74
CA PHE B 465 -50.45 -7.78 0.62
C PHE B 465 -49.70 -8.05 1.93
N ALA B 466 -48.96 -7.04 2.41
CA ALA B 466 -48.07 -7.27 3.55
C ALA B 466 -48.84 -7.65 4.80
N THR B 467 -50.04 -7.12 4.99
CA THR B 467 -50.75 -7.41 6.23
C THR B 467 -51.30 -8.83 6.25
N GLN B 468 -51.16 -9.58 5.15
CA GLN B 468 -51.56 -10.98 5.18
C GLN B 468 -50.65 -11.82 6.07
N PHE B 469 -49.44 -11.34 6.39
CA PHE B 469 -48.40 -12.18 6.95
C PHE B 469 -48.08 -11.82 8.39
N ALA B 470 -47.88 -12.85 9.21
CA ALA B 470 -47.65 -12.65 10.62
C ALA B 470 -46.33 -11.93 10.85
N MET B 471 -46.24 -11.28 12.00
CA MET B 471 -45.02 -10.60 12.43
C MET B 471 -44.52 -11.31 13.67
N PRO B 472 -43.30 -11.84 13.67
CA PRO B 472 -42.84 -12.64 14.79
C PRO B 472 -42.90 -11.86 16.08
N ALA B 473 -43.41 -12.51 17.12
CA ALA B 473 -43.48 -12.04 18.50
C ALA B 473 -44.59 -11.04 18.78
N PHE B 474 -45.50 -10.79 17.84
CA PHE B 474 -46.66 -9.93 18.13
C PHE B 474 -47.89 -10.54 17.47
N ASP B 475 -48.97 -9.75 17.44
CA ASP B 475 -50.26 -10.21 16.93
C ASP B 475 -50.97 -9.11 16.13
N NO3 C . -1.56 -3.93 -8.78
O1 NO3 C . -1.28 -4.26 -9.99
O2 NO3 C . -2.57 -3.18 -8.53
O3 NO3 C . -0.82 -4.35 -7.84
#